data_4RP1
# 
_entry.id   4RP1 
# 
_audit_conform.dict_name       mmcif_pdbx.dic 
_audit_conform.dict_version    5.379 
_audit_conform.dict_location   http://mmcif.pdb.org/dictionaries/ascii/mmcif_pdbx.dic 
# 
loop_
_database_2.database_id 
_database_2.database_code 
_database_2.pdbx_database_accession 
_database_2.pdbx_DOI 
PDB   4RP1         pdb_00004rp1 10.2210/pdb4rp1/pdb 
NDB   NA3273       ?            ?                   
RCSB  RCSB087618   ?            ?                   
WWPDB D_1000087618 ?            ?                   
# 
loop_
_pdbx_database_related.db_name 
_pdbx_database_related.db_id 
_pdbx_database_related.details 
_pdbx_database_related.content_type 
PDB 4RNK 'Sequence and structure of a self-assembled 3-D DNA crystal: D(GGAAAATTTGGAG)' unspecified 
PDB 1P1Y 'Crystal structure of a continuous three-dimensional DNA lattice.'             unspecified 
PDB 4RO4 .                                                                              unspecified 
PDB 4RO7 .                                                                              unspecified 
PDB 4RO8 .                                                                              unspecified 
PDB 4ROG .                                                                              unspecified 
PDB 4ROK .                                                                              unspecified 
PDB 4RON .                                                                              unspecified 
PDB 4ROO .                                                                              unspecified 
PDB 4ROY .                                                                              unspecified 
PDB 4ROZ .                                                                              unspecified 
PDB 4RP0 .                                                                              unspecified 
PDB 4RP2 .                                                                              unspecified 
# 
_pdbx_database_status.status_code                     REL 
_pdbx_database_status.entry_id                        4RP1 
_pdbx_database_status.recvd_initial_deposition_date   2014-10-29 
_pdbx_database_status.deposit_site                    RCSB 
_pdbx_database_status.process_site                    RCSB 
_pdbx_database_status.status_code_sf                  REL 
_pdbx_database_status.status_code_mr                  ? 
_pdbx_database_status.SG_entry                        ? 
_pdbx_database_status.status_code_cs                  ? 
_pdbx_database_status.methods_development_category    ? 
_pdbx_database_status.pdb_format_compatible           Y 
_pdbx_database_status.status_code_nmr_data            ? 
# 
loop_
_audit_author.name 
_audit_author.pdbx_ordinal 
'Saoji, M.M.'      1 
'Paukstelis, P.J.' 2 
# 
loop_
_citation.id 
_citation.title 
_citation.journal_abbrev 
_citation.journal_volume 
_citation.page_first 
_citation.page_last 
_citation.year 
_citation.journal_id_ASTM 
_citation.country 
_citation.journal_id_ISSN 
_citation.journal_id_CSD 
_citation.book_publisher 
_citation.pdbx_database_id_PubMed 
_citation.pdbx_database_id_DOI 
primary 'Probing the role of sequence in the assembly of three-dimensional DNA crystals.' Biopolymers 103 618  626  2015 BIPMAA US 
0006-3525 0161 ? 26015367 10.1002/bip.22688              
1       'Crystal structure of a continuous three-dimensional DNA lattice.'                Chem.Biol.  11  1119 1126 2004 CBOLE2 UK 
1074-5521 2050 ? 15324813 10.1016/j.chembiol.2004.05.021 
# 
loop_
_citation_author.citation_id 
_citation_author.name 
_citation_author.ordinal 
_citation_author.identifier_ORCID 
primary 'Saoji, M.'        1 ? 
primary 'Zhang, D.'        2 ? 
primary 'Paukstelis, P.J.' 3 ? 
1       'Paukstelis, P.J.' 4 ? 
1       'Nowakowski, J.'   5 ? 
1       'Birktoft, J.J.'   6 ? 
1       'Seeman, N.C.'     7 ? 
# 
_cell.entry_id           4RP1 
_cell.length_a           40.805 
_cell.length_b           40.805 
_cell.length_c           51.668 
_cell.angle_alpha        90.00 
_cell.angle_beta         90.00 
_cell.angle_gamma        120.00 
_cell.Z_PDB              6 
_cell.pdbx_unique_axis   ? 
_cell.length_a_esd       ? 
_cell.length_b_esd       ? 
_cell.length_c_esd       ? 
_cell.angle_alpha_esd    ? 
_cell.angle_beta_esd     ? 
_cell.angle_gamma_esd    ? 
# 
_symmetry.entry_id                         4RP1 
_symmetry.space_group_name_H-M             'P 64' 
_symmetry.pdbx_full_space_group_name_H-M   ? 
_symmetry.cell_setting                     ? 
_symmetry.Int_Tables_number                172 
_symmetry.space_group_name_Hall            ? 
# 
loop_
_entity.id 
_entity.type 
_entity.src_method 
_entity.pdbx_description 
_entity.formula_weight 
_entity.pdbx_number_of_molecules 
_entity.pdbx_ec 
_entity.pdbx_mutation 
_entity.pdbx_fragment 
_entity.details 
1 polymer     syn 'D(GGATACGTAGGAG)' 4080.672 1 ? ? ? ? 
2 non-polymer syn 'MAGNESIUM ION'    24.305   1 ? ? ? ? 
3 water       nat water              18.015   1 ? ? ? ? 
# 
_entity_poly.entity_id                      1 
_entity_poly.type                           polydeoxyribonucleotide 
_entity_poly.nstd_linkage                   no 
_entity_poly.nstd_monomer                   no 
_entity_poly.pdbx_seq_one_letter_code       '(DG)(DG)(DA)(DT)(DA)(DC)(DG)(DT)(DA)(DG)(DG)(DA)(DG)' 
_entity_poly.pdbx_seq_one_letter_code_can   GGATACGTAGGAG 
_entity_poly.pdbx_strand_id                 A 
_entity_poly.pdbx_target_identifier         ? 
# 
loop_
_entity_poly_seq.entity_id 
_entity_poly_seq.num 
_entity_poly_seq.mon_id 
_entity_poly_seq.hetero 
1 1  DG n 
1 2  DG n 
1 3  DA n 
1 4  DT n 
1 5  DA n 
1 6  DC n 
1 7  DG n 
1 8  DT n 
1 9  DA n 
1 10 DG n 
1 11 DG n 
1 12 DA n 
1 13 DG n 
# 
_pdbx_entity_src_syn.entity_id              1 
_pdbx_entity_src_syn.pdbx_src_id            1 
_pdbx_entity_src_syn.pdbx_alt_source_flag   sample 
_pdbx_entity_src_syn.pdbx_beg_seq_num       ? 
_pdbx_entity_src_syn.pdbx_end_seq_num       ? 
_pdbx_entity_src_syn.organism_scientific    ? 
_pdbx_entity_src_syn.organism_common_name   ? 
_pdbx_entity_src_syn.ncbi_taxonomy_id       ? 
_pdbx_entity_src_syn.details                'DNA molecule synthesized using a DNA synthesizer' 
# 
_struct_ref.id                         1 
_struct_ref.db_name                    PDB 
_struct_ref.db_code                    4RP1 
_struct_ref.pdbx_db_accession          4RP1 
_struct_ref.entity_id                  1 
_struct_ref.pdbx_align_begin           ? 
_struct_ref.pdbx_seq_one_letter_code   GGATACGTAGGAG 
_struct_ref.pdbx_db_isoform            ? 
# 
_struct_ref_seq.align_id                      1 
_struct_ref_seq.ref_id                        1 
_struct_ref_seq.pdbx_PDB_id_code              4RP1 
_struct_ref_seq.pdbx_strand_id                A 
_struct_ref_seq.seq_align_beg                 1 
_struct_ref_seq.pdbx_seq_align_beg_ins_code   ? 
_struct_ref_seq.seq_align_end                 13 
_struct_ref_seq.pdbx_seq_align_end_ins_code   ? 
_struct_ref_seq.pdbx_db_accession             4RP1 
_struct_ref_seq.db_align_beg                  1 
_struct_ref_seq.pdbx_db_align_beg_ins_code    ? 
_struct_ref_seq.db_align_end                  13 
_struct_ref_seq.pdbx_db_align_end_ins_code    ? 
_struct_ref_seq.pdbx_auth_seq_align_beg       1 
_struct_ref_seq.pdbx_auth_seq_align_end       13 
# 
loop_
_chem_comp.id 
_chem_comp.type 
_chem_comp.mon_nstd_flag 
_chem_comp.name 
_chem_comp.pdbx_synonyms 
_chem_comp.formula 
_chem_comp.formula_weight 
DA  'DNA linking' y "2'-DEOXYADENOSINE-5'-MONOPHOSPHATE" ? 'C10 H14 N5 O6 P' 331.222 
DC  'DNA linking' y "2'-DEOXYCYTIDINE-5'-MONOPHOSPHATE"  ? 'C9 H14 N3 O7 P'  307.197 
DG  'DNA linking' y "2'-DEOXYGUANOSINE-5'-MONOPHOSPHATE" ? 'C10 H14 N5 O7 P' 347.221 
DT  'DNA linking' y "THYMIDINE-5'-MONOPHOSPHATE"         ? 'C10 H15 N2 O8 P' 322.208 
HOH non-polymer   . WATER                                ? 'H2 O'            18.015  
MG  non-polymer   . 'MAGNESIUM ION'                      ? 'Mg 2'            24.305  
# 
_exptl.entry_id          4RP1 
_exptl.method            'X-RAY DIFFRACTION' 
_exptl.crystals_number   1 
# 
_exptl_crystal.id                    1 
_exptl_crystal.density_meas          ? 
_exptl_crystal.density_Matthews      3.04 
_exptl_crystal.density_percent_sol   59.58 
_exptl_crystal.description           ? 
_exptl_crystal.F_000                 ? 
_exptl_crystal.preparation           ? 
# 
_exptl_crystal_grow.crystal_id      1 
_exptl_crystal_grow.method          EVAPORATION 
_exptl_crystal_grow.temp            298 
_exptl_crystal_grow.temp_details    ? 
_exptl_crystal_grow.pH              ? 
_exptl_crystal_grow.pdbx_details    
'120mM Magnesium Formate, 50mM Lithium Chloride, 10% MPD, pH none, EVAPORATION, temperature 298K' 
_exptl_crystal_grow.pdbx_pH_range   none 
# 
_diffrn.id                     1 
_diffrn.ambient_temp           100 
_diffrn.ambient_temp_details   ? 
_diffrn.crystal_id             1 
# 
_diffrn_detector.diffrn_id              1 
_diffrn_detector.detector               PIXEL 
_diffrn_detector.type                   'DECTRIS PILATUS 6M-F' 
_diffrn_detector.pdbx_collection_date   2014-06-29 
_diffrn_detector.details                ? 
# 
_diffrn_radiation.diffrn_id                        1 
_diffrn_radiation.wavelength_id                    1 
_diffrn_radiation.pdbx_monochromatic_or_laue_m_l   M 
_diffrn_radiation.monochromator                    'Si(111)' 
_diffrn_radiation.pdbx_diffrn_protocol             'SINGLE WAVELENGTH' 
_diffrn_radiation.pdbx_scattering_type             x-ray 
# 
_diffrn_radiation_wavelength.id           1 
_diffrn_radiation_wavelength.wavelength   0.979200 
_diffrn_radiation_wavelength.wt           1.0 
# 
_diffrn_source.diffrn_id                   1 
_diffrn_source.source                      SYNCHROTRON 
_diffrn_source.type                        'APS BEAMLINE 24-ID-C' 
_diffrn_source.pdbx_synchrotron_site       APS 
_diffrn_source.pdbx_synchrotron_beamline   24-ID-C 
_diffrn_source.pdbx_wavelength             ? 
_diffrn_source.pdbx_wavelength_list        0.979200 
# 
_reflns.entry_id                     4RP1 
_reflns.observed_criterion_sigma_I   0 
_reflns.observed_criterion_sigma_F   0 
_reflns.d_resolution_low             35.34 
_reflns.d_resolution_high            2.27 
_reflns.number_obs                   2219 
_reflns.number_all                   ? 
_reflns.percent_possible_obs         ? 
_reflns.pdbx_Rmerge_I_obs            0.037 
_reflns.pdbx_Rsym_value              ? 
_reflns.pdbx_netI_over_sigmaI        16.4 
_reflns.B_iso_Wilson_estimate        ? 
_reflns.pdbx_redundancy              2.8 
_reflns.R_free_details               ? 
_reflns.limit_h_max                  ? 
_reflns.limit_h_min                  ? 
_reflns.limit_k_max                  ? 
_reflns.limit_k_min                  ? 
_reflns.limit_l_max                  ? 
_reflns.limit_l_min                  ? 
_reflns.observed_criterion_F_max     ? 
_reflns.observed_criterion_F_min     ? 
_reflns.pdbx_chi_squared             ? 
_reflns.pdbx_scaling_rejects         ? 
_reflns.pdbx_ordinal                 1 
_reflns.pdbx_diffrn_id               1 
# 
_reflns_shell.d_res_high             2.27 
_reflns_shell.d_res_low              2.40 
_reflns_shell.percent_possible_all   ? 
_reflns_shell.Rmerge_I_obs           1.273 
_reflns_shell.pdbx_Rsym_value        ? 
_reflns_shell.meanI_over_sigI_obs    1.0 
_reflns_shell.pdbx_redundancy        2.9 
_reflns_shell.percent_possible_obs   ? 
_reflns_shell.number_unique_all      321 
_reflns_shell.number_measured_all    ? 
_reflns_shell.number_measured_obs    ? 
_reflns_shell.number_unique_obs      ? 
_reflns_shell.pdbx_chi_squared       ? 
_reflns_shell.pdbx_ordinal           1 
_reflns_shell.pdbx_diffrn_id         1 
# 
_refine.entry_id                                 4RP1 
_refine.ls_number_reflns_obs                     2003 
_refine.ls_number_reflns_all                     ? 
_refine.pdbx_ls_sigma_I                          ? 
_refine.pdbx_ls_sigma_F                          . 
_refine.pdbx_data_cutoff_high_absF               ? 
_refine.pdbx_data_cutoff_low_absF                ? 
_refine.pdbx_data_cutoff_high_rms_absF           ? 
_refine.ls_d_res_low                             35.34 
_refine.ls_d_res_high                            2.27 
_refine.ls_percent_reflns_obs                    96.36 
_refine.ls_R_factor_obs                          0.20616 
_refine.ls_R_factor_all                          ? 
_refine.ls_R_factor_R_work                       0.20244 
_refine.ls_R_factor_R_free                       0.24394 
_refine.ls_R_factor_R_free_error                 ? 
_refine.ls_R_factor_R_free_error_details         ? 
_refine.ls_percent_reflns_R_free                 9.0 
_refine.ls_number_reflns_R_free                  197 
_refine.ls_number_parameters                     ? 
_refine.ls_number_restraints                     ? 
_refine.occupancy_min                            ? 
_refine.occupancy_max                            ? 
_refine.correlation_coeff_Fo_to_Fc               0.971 
_refine.correlation_coeff_Fo_to_Fc_free          0.956 
_refine.B_iso_mean                               97.348 
_refine.aniso_B[1][1]                            0.19 
_refine.aniso_B[2][2]                            0.19 
_refine.aniso_B[3][3]                            -0.61 
_refine.aniso_B[1][2]                            0.09 
_refine.aniso_B[1][3]                            0.00 
_refine.aniso_B[2][3]                            -0.00 
_refine.solvent_model_details                    MASK 
_refine.solvent_model_param_ksol                 ? 
_refine.solvent_model_param_bsol                 ? 
_refine.pdbx_solvent_vdw_probe_radii             1.30 
_refine.pdbx_solvent_ion_probe_radii             1.00 
_refine.pdbx_solvent_shrinkage_radii             1.00 
_refine.pdbx_ls_cross_valid_method               THROUGHOUT 
_refine.details                                  'HYDROGENS HAVE BEEN ADDED IN THE RIDING POSITIONS' 
_refine.pdbx_starting_model                      'PDB ENTRY 1p1y' 
_refine.pdbx_method_to_determine_struct          'MOLECULAR REPLACEMENT' 
_refine.pdbx_isotropic_thermal_model             ? 
_refine.pdbx_stereochemistry_target_values       'MAXIMUM LIKELIHOOD' 
_refine.pdbx_stereochem_target_val_spec_case     ? 
_refine.pdbx_R_Free_selection_details            RANDOM 
_refine.pdbx_overall_ESU_R                       0.246 
_refine.pdbx_overall_ESU_R_Free                  0.207 
_refine.overall_SU_ML                            0.249 
_refine.pdbx_overall_phase_error                 ? 
_refine.overall_SU_B                             26.901 
_refine.overall_SU_R_Cruickshank_DPI             ? 
_refine.ls_redundancy_reflns_obs                 ? 
_refine.B_iso_min                                ? 
_refine.B_iso_max                                ? 
_refine.overall_SU_R_free                        ? 
_refine.ls_wR_factor_R_free                      ? 
_refine.ls_wR_factor_R_work                      ? 
_refine.overall_FOM_free_R_set                   ? 
_refine.overall_FOM_work_R_set                   ? 
_refine.pdbx_diffrn_id                           1 
_refine.pdbx_refine_id                           'X-RAY DIFFRACTION' 
_refine.pdbx_TLS_residual_ADP_flag               ? 
_refine.pdbx_overall_SU_R_free_Cruickshank_DPI   ? 
_refine.pdbx_overall_SU_R_Blow_DPI               ? 
_refine.pdbx_overall_SU_R_free_Blow_DPI          ? 
# 
_refine_hist.pdbx_refine_id                   'X-RAY DIFFRACTION' 
_refine_hist.cycle_id                         LAST 
_refine_hist.pdbx_number_atoms_protein        0 
_refine_hist.pdbx_number_atoms_nucleic_acid   254 
_refine_hist.pdbx_number_atoms_ligand         1 
_refine_hist.number_atoms_solvent             1 
_refine_hist.number_atoms_total               256 
_refine_hist.d_res_high                       2.27 
_refine_hist.d_res_low                        35.34 
# 
loop_
_refine_ls_restr.type 
_refine_ls_restr.dev_ideal 
_refine_ls_restr.dev_ideal_target 
_refine_ls_restr.weight 
_refine_ls_restr.number 
_refine_ls_restr.pdbx_restraint_function 
_refine_ls_restr.pdbx_refine_id 
r_bond_refined_d             0.007 0.011  ? 286 ? 'X-RAY DIFFRACTION' 
r_bond_other_d               0.002 0.020  ? 135 ? 'X-RAY DIFFRACTION' 
r_angle_refined_deg          1.294 1.155  ? 442 ? 'X-RAY DIFFRACTION' 
r_angle_other_deg            1.682 3.000  ? 319 ? 'X-RAY DIFFRACTION' 
r_dihedral_angle_1_deg       ?     ?      ? ?   ? 'X-RAY DIFFRACTION' 
r_dihedral_angle_2_deg       ?     ?      ? ?   ? 'X-RAY DIFFRACTION' 
r_dihedral_angle_3_deg       ?     ?      ? ?   ? 'X-RAY DIFFRACTION' 
r_dihedral_angle_4_deg       ?     ?      ? ?   ? 'X-RAY DIFFRACTION' 
r_chiral_restr               0.078 0.200  ? 36  ? 'X-RAY DIFFRACTION' 
r_gen_planes_refined         0.010 0.020  ? 151 ? 'X-RAY DIFFRACTION' 
r_gen_planes_other           0.001 0.020  ? 62  ? 'X-RAY DIFFRACTION' 
r_nbd_refined                ?     ?      ? ?   ? 'X-RAY DIFFRACTION' 
r_nbd_other                  ?     ?      ? ?   ? 'X-RAY DIFFRACTION' 
r_nbtor_refined              ?     ?      ? ?   ? 'X-RAY DIFFRACTION' 
r_nbtor_other                ?     ?      ? ?   ? 'X-RAY DIFFRACTION' 
r_xyhbond_nbd_refined        ?     ?      ? ?   ? 'X-RAY DIFFRACTION' 
r_xyhbond_nbd_other          ?     ?      ? ?   ? 'X-RAY DIFFRACTION' 
r_metal_ion_refined          ?     ?      ? ?   ? 'X-RAY DIFFRACTION' 
r_metal_ion_other            ?     ?      ? ?   ? 'X-RAY DIFFRACTION' 
r_symmetry_vdw_refined       ?     ?      ? ?   ? 'X-RAY DIFFRACTION' 
r_symmetry_vdw_other         ?     ?      ? ?   ? 'X-RAY DIFFRACTION' 
r_symmetry_hbond_refined     ?     ?      ? ?   ? 'X-RAY DIFFRACTION' 
r_symmetry_hbond_other       ?     ?      ? ?   ? 'X-RAY DIFFRACTION' 
r_symmetry_metal_ion_refined ?     ?      ? ?   ? 'X-RAY DIFFRACTION' 
r_symmetry_metal_ion_other   ?     ?      ? ?   ? 'X-RAY DIFFRACTION' 
r_mcbond_it                  ?     ?      ? ?   ? 'X-RAY DIFFRACTION' 
r_mcbond_other               ?     ?      ? ?   ? 'X-RAY DIFFRACTION' 
r_mcangle_it                 ?     ?      ? ?   ? 'X-RAY DIFFRACTION' 
r_mcangle_other              ?     ?      ? ?   ? 'X-RAY DIFFRACTION' 
r_scbond_it                  2.730 5.420  ? 286 ? 'X-RAY DIFFRACTION' 
r_scbond_other               2.704 5.395  ? 284 ? 'X-RAY DIFFRACTION' 
r_scangle_it                 ?     ?      ? ?   ? 'X-RAY DIFFRACTION' 
r_scangle_other              4.511 8.132  ? 439 ? 'X-RAY DIFFRACTION' 
r_long_range_B_refined       5.712 53.134 ? 418 ? 'X-RAY DIFFRACTION' 
r_long_range_B_other         5.697 53.007 ? 418 ? 'X-RAY DIFFRACTION' 
r_rigid_bond_restr           ?     ?      ? ?   ? 'X-RAY DIFFRACTION' 
r_sphericity_free            ?     ?      ? ?   ? 'X-RAY DIFFRACTION' 
r_sphericity_bonded          ?     ?      ? ?   ? 'X-RAY DIFFRACTION' 
# 
_refine_ls_shell.pdbx_total_number_of_bins_used   20 
_refine_ls_shell.d_res_high                       2.274 
_refine_ls_shell.d_res_low                        2.333 
_refine_ls_shell.number_reflns_R_work             140 
_refine_ls_shell.R_factor_R_work                  0.432 
_refine_ls_shell.percent_reflns_obs               94.97 
_refine_ls_shell.R_factor_R_free                  0.330 
_refine_ls_shell.R_factor_R_free_error            ? 
_refine_ls_shell.percent_reflns_R_free            ? 
_refine_ls_shell.number_reflns_R_free             11 
_refine_ls_shell.number_reflns_all                ? 
_refine_ls_shell.R_factor_all                     ? 
_refine_ls_shell.number_reflns_obs                ? 
_refine_ls_shell.redundancy_reflns_obs            ? 
_refine_ls_shell.pdbx_refine_id                   'X-RAY DIFFRACTION' 
# 
_struct.entry_id                  4RP1 
_struct.title                     'Sequence and structure of a self-assembled 3-D DNA crystal: D(GGATACGTAGGAG)' 
_struct.pdbx_model_details        ? 
_struct.pdbx_CASP_flag            ? 
_struct.pdbx_model_type_details   ? 
# 
_struct_keywords.entry_id        4RP1 
_struct_keywords.pdbx_keywords   DNA 
_struct_keywords.text            'Self-assembling 3D DNA crystal, DNA' 
# 
loop_
_struct_asym.id 
_struct_asym.pdbx_blank_PDB_chainid_flag 
_struct_asym.pdbx_modified 
_struct_asym.entity_id 
_struct_asym.details 
A N N 1 ? 
B N N 2 ? 
C N N 3 ? 
# 
_struct_biol.id        1 
_struct_biol.details   ? 
# 
loop_
_struct_conn.id 
_struct_conn.conn_type_id 
_struct_conn.pdbx_leaving_atom_flag 
_struct_conn.pdbx_PDB_id 
_struct_conn.ptnr1_label_asym_id 
_struct_conn.ptnr1_label_comp_id 
_struct_conn.ptnr1_label_seq_id 
_struct_conn.ptnr1_label_atom_id 
_struct_conn.pdbx_ptnr1_label_alt_id 
_struct_conn.pdbx_ptnr1_PDB_ins_code 
_struct_conn.pdbx_ptnr1_standard_comp_id 
_struct_conn.ptnr1_symmetry 
_struct_conn.ptnr2_label_asym_id 
_struct_conn.ptnr2_label_comp_id 
_struct_conn.ptnr2_label_seq_id 
_struct_conn.ptnr2_label_atom_id 
_struct_conn.pdbx_ptnr2_label_alt_id 
_struct_conn.pdbx_ptnr2_PDB_ins_code 
_struct_conn.ptnr1_auth_asym_id 
_struct_conn.ptnr1_auth_comp_id 
_struct_conn.ptnr1_auth_seq_id 
_struct_conn.ptnr2_auth_asym_id 
_struct_conn.ptnr2_auth_comp_id 
_struct_conn.ptnr2_auth_seq_id 
_struct_conn.ptnr2_symmetry 
_struct_conn.pdbx_ptnr3_label_atom_id 
_struct_conn.pdbx_ptnr3_label_seq_id 
_struct_conn.pdbx_ptnr3_label_comp_id 
_struct_conn.pdbx_ptnr3_label_asym_id 
_struct_conn.pdbx_ptnr3_label_alt_id 
_struct_conn.pdbx_ptnr3_PDB_ins_code 
_struct_conn.details 
_struct_conn.pdbx_dist_value 
_struct_conn.pdbx_value_order 
_struct_conn.pdbx_role 
metalc1  metalc ? ? B MG . MG ? ? ? 1_555 C HOH . O  ? ? A MG 101 A HOH 201 1_555 ? ? ? ? ? ? ?            1.903 ? ? 
hydrog1  hydrog ? ? A DT 4 N3 ? ? ? 1_555 A DA  9 N1 ? ? A DT 4   A DA  9   4_545 ? ? ? ? ? ? WATSON-CRICK ?     ? ? 
hydrog2  hydrog ? ? A DT 4 O4 ? ? ? 1_555 A DA  9 N6 ? ? A DT 4   A DA  9   4_545 ? ? ? ? ? ? WATSON-CRICK ?     ? ? 
hydrog3  hydrog ? ? A DA 5 N1 ? ? ? 1_555 A DT  8 N3 ? ? A DA 5   A DT  8   4_545 ? ? ? ? ? ? WATSON-CRICK ?     ? ? 
hydrog4  hydrog ? ? A DA 5 N6 ? ? ? 1_555 A DT  8 O4 ? ? A DA 5   A DT  8   4_545 ? ? ? ? ? ? WATSON-CRICK ?     ? ? 
hydrog5  hydrog ? ? A DC 6 N3 ? ? ? 1_555 A DG  7 N1 ? ? A DC 6   A DG  7   4_545 ? ? ? ? ? ? WATSON-CRICK ?     ? ? 
hydrog6  hydrog ? ? A DC 6 N4 ? ? ? 1_555 A DG  7 O6 ? ? A DC 6   A DG  7   4_545 ? ? ? ? ? ? WATSON-CRICK ?     ? ? 
hydrog7  hydrog ? ? A DC 6 O2 ? ? ? 1_555 A DG  7 N2 ? ? A DC 6   A DG  7   4_545 ? ? ? ? ? ? WATSON-CRICK ?     ? ? 
hydrog8  hydrog ? ? A DG 7 N1 ? ? ? 1_555 A DC  6 N3 ? ? A DG 7   A DC  6   4_545 ? ? ? ? ? ? WATSON-CRICK ?     ? ? 
hydrog9  hydrog ? ? A DG 7 N2 ? ? ? 1_555 A DC  6 O2 ? ? A DG 7   A DC  6   4_545 ? ? ? ? ? ? WATSON-CRICK ?     ? ? 
hydrog10 hydrog ? ? A DG 7 O6 ? ? ? 1_555 A DC  6 N4 ? ? A DG 7   A DC  6   4_545 ? ? ? ? ? ? WATSON-CRICK ?     ? ? 
hydrog11 hydrog ? ? A DT 8 N3 ? ? ? 1_555 A DA  5 N1 ? ? A DT 8   A DA  5   4_545 ? ? ? ? ? ? WATSON-CRICK ?     ? ? 
hydrog12 hydrog ? ? A DT 8 O4 ? ? ? 1_555 A DA  5 N6 ? ? A DT 8   A DA  5   4_545 ? ? ? ? ? ? WATSON-CRICK ?     ? ? 
hydrog13 hydrog ? ? A DA 9 N1 ? ? ? 1_555 A DT  4 N3 ? ? A DA 9   A DT  4   4_545 ? ? ? ? ? ? WATSON-CRICK ?     ? ? 
hydrog14 hydrog ? ? A DA 9 N6 ? ? ? 1_555 A DT  4 O4 ? ? A DA 9   A DT  4   4_545 ? ? ? ? ? ? WATSON-CRICK ?     ? ? 
# 
loop_
_struct_conn_type.id 
_struct_conn_type.criteria 
_struct_conn_type.reference 
metalc ? ? 
hydrog ? ? 
# 
_struct_site.id                   AC1 
_struct_site.pdbx_evidence_code   Software 
_struct_site.pdbx_auth_asym_id    A 
_struct_site.pdbx_auth_comp_id    MG 
_struct_site.pdbx_auth_seq_id     101 
_struct_site.pdbx_auth_ins_code   ? 
_struct_site.pdbx_num_residues    2 
_struct_site.details              'BINDING SITE FOR RESIDUE MG A 101' 
# 
loop_
_struct_site_gen.id 
_struct_site_gen.site_id 
_struct_site_gen.pdbx_num_res 
_struct_site_gen.label_comp_id 
_struct_site_gen.label_asym_id 
_struct_site_gen.label_seq_id 
_struct_site_gen.pdbx_auth_ins_code 
_struct_site_gen.auth_comp_id 
_struct_site_gen.auth_asym_id 
_struct_site_gen.auth_seq_id 
_struct_site_gen.label_atom_id 
_struct_site_gen.label_alt_id 
_struct_site_gen.symmetry 
_struct_site_gen.details 
1 AC1 2 DA  A 3 ? DA  A 3   . ? 1_555 ? 
2 AC1 2 HOH C . ? HOH A 201 . ? 1_555 ? 
# 
_atom_sites.entry_id                    4RP1 
_atom_sites.fract_transf_matrix[1][1]   0.00639478 
_atom_sites.fract_transf_matrix[1][2]   -0.00701390 
_atom_sites.fract_transf_matrix[1][3]   0.02665894 
_atom_sites.fract_transf_matrix[2][1]   -0.02051263 
_atom_sites.fract_transf_matrix[2][2]   -0.00767057 
_atom_sites.fract_transf_matrix[2][3]   0.01792125 
_atom_sites.fract_transf_matrix[3][1]   0.00219889 
_atom_sites.fract_transf_matrix[3][2]   -0.01845951 
_atom_sites.fract_transf_matrix[3][3]   -0.00538410 
_atom_sites.fract_transf_vector[1]      0.066412 
_atom_sites.fract_transf_vector[2]      -0.420587 
_atom_sites.fract_transf_vector[3]      -0.231830 
# 
loop_
_atom_type.symbol 
C  
MG 
N  
O  
P  
# 
loop_
_atom_site.group_PDB 
_atom_site.id 
_atom_site.type_symbol 
_atom_site.label_atom_id 
_atom_site.label_alt_id 
_atom_site.label_comp_id 
_atom_site.label_asym_id 
_atom_site.label_entity_id 
_atom_site.label_seq_id 
_atom_site.pdbx_PDB_ins_code 
_atom_site.Cartn_x 
_atom_site.Cartn_y 
_atom_site.Cartn_z 
_atom_site.occupancy 
_atom_site.B_iso_or_equiv 
_atom_site.pdbx_formal_charge 
_atom_site.auth_seq_id 
_atom_site.auth_comp_id 
_atom_site.auth_asym_id 
_atom_site.auth_atom_id 
_atom_site.pdbx_PDB_model_num 
ATOM   1   O  "O5'" . DG  A 1 1  ? 1.111   -15.112 -17.162 1.00 105.30 ? 1   DG  A "O5'" 1 
ATOM   2   C  "C5'" . DG  A 1 1  ? 0.831   -14.340 -18.356 1.00 104.18 ? 1   DG  A "C5'" 1 
ATOM   3   C  "C4'" . DG  A 1 1  ? 0.984   -12.859 -18.092 1.00 99.65  ? 1   DG  A "C4'" 1 
ATOM   4   O  "O4'" . DG  A 1 1  ? -0.201  -12.337 -17.434 1.00 96.54  ? 1   DG  A "O4'" 1 
ATOM   5   C  "C3'" . DG  A 1 1  ? 2.140   -12.515 -17.163 1.00 97.11  ? 1   DG  A "C3'" 1 
ATOM   6   O  "O3'" . DG  A 1 1  ? 2.609   -11.203 -17.480 1.00 97.31  ? 1   DG  A "O3'" 1 
ATOM   7   C  "C2'" . DG  A 1 1  ? 1.477   -12.542 -15.800 1.00 93.07  ? 1   DG  A "C2'" 1 
ATOM   8   C  "C1'" . DG  A 1 1  ? 0.118   -11.921 -16.110 1.00 90.91  ? 1   DG  A "C1'" 1 
ATOM   9   N  N9    . DG  A 1 1  ? -0.960  -12.342 -15.213 1.00 86.42  ? 1   DG  A N9    1 
ATOM   10  C  C8    . DG  A 1 1  ? -1.671  -11.551 -14.343 1.00 85.42  ? 1   DG  A C8    1 
ATOM   11  N  N7    . DG  A 1 1  ? -2.540  -12.222 -13.633 1.00 83.34  ? 1   DG  A N7    1 
ATOM   12  C  C5    . DG  A 1 1  ? -2.381  -13.536 -14.050 1.00 82.89  ? 1   DG  A C5    1 
ATOM   13  C  C6    . DG  A 1 1  ? -3.044  -14.720 -13.633 1.00 84.48  ? 1   DG  A C6    1 
ATOM   14  O  O6    . DG  A 1 1  ? -3.937  -14.848 -12.786 1.00 83.70  ? 1   DG  A O6    1 
ATOM   15  N  N1    . DG  A 1 1  ? -2.567  -15.836 -14.311 1.00 86.51  ? 1   DG  A N1    1 
ATOM   16  C  C2    . DG  A 1 1  ? -1.575  -15.817 -15.263 1.00 89.34  ? 1   DG  A C2    1 
ATOM   17  N  N2    . DG  A 1 1  ? -1.253  -16.995 -15.814 1.00 93.57  ? 1   DG  A N2    1 
ATOM   18  N  N3    . DG  A 1 1  ? -0.940  -14.726 -15.646 1.00 86.67  ? 1   DG  A N3    1 
ATOM   19  C  C4    . DG  A 1 1  ? -1.393  -13.630 -15.008 1.00 84.93  ? 1   DG  A C4    1 
ATOM   20  P  P     . DG  A 1 2  ? 3.951   -10.645 -16.797 1.00 98.98  ? 2   DG  A P     1 
ATOM   21  O  OP1   . DG  A 1 2  ? 4.299   -9.363  -17.474 1.00 102.92 ? 2   DG  A OP1   1 
ATOM   22  O  OP2   . DG  A 1 2  ? 4.942   -11.766 -16.727 1.00 98.76  ? 2   DG  A OP2   1 
ATOM   23  O  "O5'" . DG  A 1 2  ? 3.519   -10.257 -15.306 1.00 90.45  ? 2   DG  A "O5'" 1 
ATOM   24  C  "C5'" . DG  A 1 2  ? 2.615   -9.166  -15.020 1.00 85.19  ? 2   DG  A "C5'" 1 
ATOM   25  C  "C4'" . DG  A 1 2  ? 2.303   -9.164  -13.545 1.00 82.41  ? 2   DG  A "C4'" 1 
ATOM   26  O  "O4'" . DG  A 1 2  ? 1.426   -10.266 -13.219 1.00 79.49  ? 2   DG  A "O4'" 1 
ATOM   27  C  "C3'" . DG  A 1 2  ? 3.544   -9.347  -12.669 1.00 83.00  ? 2   DG  A "C3'" 1 
ATOM   28  O  "O3'" . DG  A 1 2  ? 3.500   -8.409  -11.600 1.00 84.01  ? 2   DG  A "O3'" 1 
ATOM   29  C  "C2'" . DG  A 1 2  ? 3.424   -10.767 -12.155 1.00 79.95  ? 2   DG  A "C2'" 1 
ATOM   30  C  "C1'" . DG  A 1 2  ? 1.927   -10.918 -12.075 1.00 76.37  ? 2   DG  A "C1'" 1 
ATOM   31  N  N9    . DG  A 1 2  ? 1.477   -12.299 -12.109 1.00 76.90  ? 2   DG  A N9    1 
ATOM   32  C  C8    . DG  A 1 2  ? 2.086   -13.363 -12.731 1.00 80.07  ? 2   DG  A C8    1 
ATOM   33  N  N7    . DG  A 1 2  ? 1.452   -14.490 -12.552 1.00 82.41  ? 2   DG  A N7    1 
ATOM   34  C  C5    . DG  A 1 2  ? 0.370   -14.152 -11.751 1.00 79.56  ? 2   DG  A C5    1 
ATOM   35  C  C6    . DG  A 1 2  ? -0.667  -14.960 -11.222 1.00 81.62  ? 2   DG  A C6    1 
ATOM   36  O  O6    . DG  A 1 2  ? -0.835  -16.179 -11.350 1.00 86.12  ? 2   DG  A O6    1 
ATOM   37  N  N1    . DG  A 1 2  ? -1.556  -14.212 -10.453 1.00 80.11  ? 2   DG  A N1    1 
ATOM   38  C  C2    . DG  A 1 2  ? -1.447  -12.863 -10.213 1.00 77.31  ? 2   DG  A C2    1 
ATOM   39  N  N2    . DG  A 1 2  ? -2.405  -12.319 -9.452  1.00 80.96  ? 2   DG  A N2    1 
ATOM   40  N  N3    . DG  A 1 2  ? -0.482  -12.101 -10.696 1.00 71.81  ? 2   DG  A N3    1 
ATOM   41  C  C4    . DG  A 1 2  ? 0.375   -12.803 -11.467 1.00 74.94  ? 2   DG  A C4    1 
ATOM   42  P  P     . DA  A 1 3  ? 4.712   -7.410  -11.379 1.00 88.33  ? 3   DA  A P     1 
ATOM   43  O  OP1   . DA  A 1 3  ? 5.494   -7.336  -12.641 1.00 92.70  ? 3   DA  A OP1   1 
ATOM   44  O  OP2   . DA  A 1 3  ? 5.425   -7.846  -10.138 1.00 94.60  ? 3   DA  A OP2   1 
ATOM   45  O  "O5'" . DA  A 1 3  ? 3.954   -6.022  -11.172 1.00 87.34  ? 3   DA  A "O5'" 1 
ATOM   46  C  "C5'" . DA  A 1 3  ? 2.515   -5.936  -11.228 1.00 87.72  ? 3   DA  A "C5'" 1 
ATOM   47  C  "C4'" . DA  A 1 3  ? 1.966   -4.904  -10.263 1.00 87.08  ? 3   DA  A "C4'" 1 
ATOM   48  O  "O4'" . DA  A 1 3  ? 1.144   -5.591  -9.296  1.00 84.75  ? 3   DA  A "O4'" 1 
ATOM   49  C  "C3'" . DA  A 1 3  ? 2.969   -4.136  -9.406  1.00 88.46  ? 3   DA  A "C3'" 1 
ATOM   50  O  "O3'" . DA  A 1 3  ? 2.352   -2.994  -8.759  1.00 93.51  ? 3   DA  A "O3'" 1 
ATOM   51  C  "C2'" . DA  A 1 3  ? 3.235   -5.145  -8.307  1.00 84.93  ? 3   DA  A "C2'" 1 
ATOM   52  C  "C1'" . DA  A 1 3  ? 1.820   -5.633  -8.041  1.00 80.65  ? 3   DA  A "C1'" 1 
ATOM   53  N  N9    . DA  A 1 3  ? 1.680   -6.988  -7.527  1.00 79.21  ? 3   DA  A N9    1 
ATOM   54  C  C8    . DA  A 1 3  ? 2.053   -8.154  -8.145  1.00 79.78  ? 3   DA  A C8    1 
ATOM   55  N  N7    . DA  A 1 3  ? 1.730   -9.233  -7.473  1.00 79.15  ? 3   DA  A N7    1 
ATOM   56  C  C5    . DA  A 1 3  ? 1.066   -8.744  -6.357  1.00 78.45  ? 3   DA  A C5    1 
ATOM   57  C  C6    . DA  A 1 3  ? 0.454   -9.384  -5.262  1.00 81.32  ? 3   DA  A C6    1 
ATOM   58  N  N6    . DA  A 1 3  ? 0.437   -10.709 -5.099  1.00 85.41  ? 3   DA  A N6    1 
ATOM   59  N  N1    . DA  A 1 3  ? -0.132  -8.607  -4.323  1.00 80.32  ? 3   DA  A N1    1 
ATOM   60  C  C2    . DA  A 1 3  ? -0.112  -7.277  -4.492  1.00 81.91  ? 3   DA  A C2    1 
ATOM   61  N  N3    . DA  A 1 3  ? 0.421   -6.560  -5.484  1.00 78.89  ? 3   DA  A N3    1 
ATOM   62  C  C4    . DA  A 1 3  ? 1.004   -7.364  -6.392  1.00 78.51  ? 3   DA  A C4    1 
ATOM   63  P  P     . DT  A 1 4  ? 2.251   -1.496  -9.468  1.00 96.43  ? 4   DT  A P     1 
ATOM   64  O  OP1   . DT  A 1 4  ? 1.823   -0.534  -8.408  1.00 92.69  ? 4   DT  A OP1   1 
ATOM   65  O  OP2   . DT  A 1 4  ? 1.441   -1.608  -10.719 1.00 96.06  ? 4   DT  A OP2   1 
ATOM   66  O  "O5'" . DT  A 1 4  ? 3.761   -1.159  -9.871  1.00 96.73  ? 4   DT  A "O5'" 1 
ATOM   67  C  "C5'" . DT  A 1 4  ? 4.770   -1.127  -8.850  1.00 95.42  ? 4   DT  A "C5'" 1 
ATOM   68  C  "C4'" . DT  A 1 4  ? 5.992   -0.336  -9.262  1.00 98.02  ? 4   DT  A "C4'" 1 
ATOM   69  O  "O4'" . DT  A 1 4  ? 5.646   0.763   -10.137 1.00 97.75  ? 4   DT  A "O4'" 1 
ATOM   70  C  "C3'" . DT  A 1 4  ? 6.687   0.289   -8.056  1.00 100.80 ? 4   DT  A "C3'" 1 
ATOM   71  O  "O3'" . DT  A 1 4  ? 8.106   0.158   -8.077  1.00 109.69 ? 4   DT  A "O3'" 1 
ATOM   72  C  "C2'" . DT  A 1 4  ? 6.222   1.730   -8.071  1.00 99.86  ? 4   DT  A "C2'" 1 
ATOM   73  C  "C1'" . DT  A 1 4  ? 5.937   2.015   -9.522  1.00 97.87  ? 4   DT  A "C1'" 1 
ATOM   74  N  N1    . DT  A 1 4  ? 4.750   2.872   -9.644  1.00 93.66  ? 4   DT  A N1    1 
ATOM   75  C  C2    . DT  A 1 4  ? 4.869   4.189   -9.274  1.00 95.22  ? 4   DT  A C2    1 
ATOM   76  O  O2    . DT  A 1 4  ? 5.922   4.688   -8.910  1.00 96.80  ? 4   DT  A O2    1 
ATOM   77  N  N3    . DT  A 1 4  ? 3.712   4.920   -9.388  1.00 95.58  ? 4   DT  A N3    1 
ATOM   78  C  C4    . DT  A 1 4  ? 2.480   4.470   -9.832  1.00 93.96  ? 4   DT  A C4    1 
ATOM   79  O  O4    . DT  A 1 4  ? 1.533   5.248   -9.906  1.00 97.81  ? 4   DT  A O4    1 
ATOM   80  C  C5    . DT  A 1 4  ? 2.425   3.073   -10.176 1.00 90.02  ? 4   DT  A C5    1 
ATOM   81  C  C7    . DT  A 1 4  ? 1.130   2.495   -10.650 1.00 89.95  ? 4   DT  A C7    1 
ATOM   82  C  C6    . DT  A 1 4  ? 3.541   2.348   -10.045 1.00 90.52  ? 4   DT  A C6    1 
ATOM   83  P  P     . DA  A 1 5  ? 8.846   -0.478  -6.814  1.00 111.93 ? 5   DA  A P     1 
ATOM   84  O  OP1   . DA  A 1 5  ? 9.754   -1.545  -7.329  1.00 116.66 ? 5   DA  A OP1   1 
ATOM   85  O  OP2   . DA  A 1 5  ? 7.820   -0.803  -5.770  1.00 104.33 ? 5   DA  A OP2   1 
ATOM   86  O  "O5'" . DA  A 1 5  ? 9.739   0.718   -6.254  1.00 115.64 ? 5   DA  A "O5'" 1 
ATOM   87  C  "C5'" . DA  A 1 5  ? 9.716   2.055   -6.798  1.00 119.13 ? 5   DA  A "C5'" 1 
ATOM   88  C  "C4'" . DA  A 1 5  ? 9.841   3.072   -5.686  1.00 121.87 ? 5   DA  A "C4'" 1 
ATOM   89  O  "O4'" . DA  A 1 5  ? 8.658   3.909   -5.621  1.00 119.05 ? 5   DA  A "O4'" 1 
ATOM   90  C  "C3'" . DA  A 1 5  ? 9.991   2.501   -4.279  1.00 120.48 ? 5   DA  A "C3'" 1 
ATOM   91  O  "O3'" . DA  A 1 5  ? 10.785  3.462   -3.570  1.00 128.45 ? 5   DA  A "O3'" 1 
ATOM   92  C  "C2'" . DA  A 1 5  ? 8.545   2.371   -3.821  1.00 113.82 ? 5   DA  A "C2'" 1 
ATOM   93  C  "C1'" . DA  A 1 5  ? 7.893   3.604   -4.451  1.00 113.29 ? 5   DA  A "C1'" 1 
ATOM   94  N  N9    . DA  A 1 5  ? 6.483   3.504   -4.854  1.00 104.58 ? 5   DA  A N9    1 
ATOM   95  C  C8    . DA  A 1 5  ? 5.734   2.393   -5.164  1.00 97.91  ? 5   DA  A C8    1 
ATOM   96  N  N7    . DA  A 1 5  ? 4.506   2.671   -5.533  1.00 92.01  ? 5   DA  A N7    1 
ATOM   97  C  C5    . DA  A 1 5  ? 4.443   4.056   -5.465  1.00 93.22  ? 5   DA  A C5    1 
ATOM   98  C  C6    . DA  A 1 5  ? 3.412   4.968   -5.735  1.00 91.07  ? 5   DA  A C6    1 
ATOM   99  N  N6    . DA  A 1 5  ? 2.192   4.605   -6.133  1.00 89.58  ? 5   DA  A N6    1 
ATOM   100 N  N1    . DA  A 1 5  ? 3.668   6.282   -5.548  1.00 94.89  ? 5   DA  A N1    1 
ATOM   101 C  C2    . DA  A 1 5  ? 4.890   6.645   -5.140  1.00 101.37 ? 5   DA  A C2    1 
ATOM   102 N  N3    . DA  A 1 5  ? 5.950   5.882   -4.874  1.00 102.97 ? 5   DA  A N3    1 
ATOM   103 C  C4    . DA  A 1 5  ? 5.654   4.582   -5.053  1.00 99.82  ? 5   DA  A C4    1 
ATOM   104 P  P     . DC  A 1 6  ? 11.211  3.229   -2.044  1.00 129.19 ? 6   DC  A P     1 
ATOM   105 O  OP1   . DC  A 1 6  ? 12.633  3.678   -1.915  1.00 136.63 ? 6   DC  A OP1   1 
ATOM   106 O  OP2   . DC  A 1 6  ? 10.838  1.835   -1.671  1.00 127.70 ? 6   DC  A OP2   1 
ATOM   107 O  "O5'" . DC  A 1 6  ? 10.213  4.191   -1.252  1.00 121.36 ? 6   DC  A "O5'" 1 
ATOM   108 C  "C5'" . DC  A 1 6  ? 10.138  5.599   -1.572  1.00 124.09 ? 6   DC  A "C5'" 1 
ATOM   109 C  "C4'" . DC  A 1 6  ? 8.900   6.242   -0.988  1.00 119.55 ? 6   DC  A "C4'" 1 
ATOM   110 O  "O4'" . DC  A 1 6  ? 7.734   5.818   -1.717  1.00 112.90 ? 6   DC  A "O4'" 1 
ATOM   111 C  "C3'" . DC  A 1 6  ? 8.610   5.910   0.476   1.00 118.52 ? 6   DC  A "C3'" 1 
ATOM   112 O  "O3'" . DC  A 1 6  ? 8.924   7.005   1.344   1.00 127.40 ? 6   DC  A "O3'" 1 
ATOM   113 C  "C2'" . DC  A 1 6  ? 7.112   5.649   0.513   1.00 111.42 ? 6   DC  A "C2'" 1 
ATOM   114 C  "C1'" . DC  A 1 6  ? 6.628   6.013   -0.873  1.00 106.91 ? 6   DC  A "C1'" 1 
ATOM   115 N  N1    . DC  A 1 6  ? 5.538   5.165   -1.353  1.00 97.38  ? 6   DC  A N1    1 
ATOM   116 C  C2    . DC  A 1 6  ? 4.304   5.754   -1.645  1.00 94.12  ? 6   DC  A C2    1 
ATOM   117 O  O2    . DC  A 1 6  ? 4.175   6.979   -1.499  1.00 95.34  ? 6   DC  A O2    1 
ATOM   118 N  N3    . DC  A 1 6  ? 3.290   4.979   -2.084  1.00 89.73  ? 6   DC  A N3    1 
ATOM   119 C  C4    . DC  A 1 6  ? 3.473   3.666   -2.236  1.00 90.75  ? 6   DC  A C4    1 
ATOM   120 N  N4    . DC  A 1 6  ? 2.447   2.939   -2.684  1.00 88.63  ? 6   DC  A N4    1 
ATOM   121 C  C5    . DC  A 1 6  ? 4.718   3.038   -1.937  1.00 89.94  ? 6   DC  A C5    1 
ATOM   122 C  C6    . DC  A 1 6  ? 5.712   3.818   -1.502  1.00 93.14  ? 6   DC  A C6    1 
ATOM   123 P  P     . DG  A 1 7  ? 8.775   6.844   2.942   1.00 129.48 ? 7   DG  A P     1 
ATOM   124 O  OP1   . DG  A 1 7  ? 9.992   7.415   3.575   1.00 136.20 ? 7   DG  A OP1   1 
ATOM   125 O  OP2   . DG  A 1 7  ? 8.362   5.438   3.243   1.00 123.06 ? 7   DG  A OP2   1 
ATOM   126 O  "O5'" . DG  A 1 7  ? 7.546   7.794   3.300   1.00 126.67 ? 7   DG  A "O5'" 1 
ATOM   127 C  "C5'" . DG  A 1 7  ? 7.239   8.990   2.544   1.00 125.71 ? 7   DG  A "C5'" 1 
ATOM   128 C  "C4'" . DG  A 1 7  ? 5.823   9.434   2.835   1.00 120.13 ? 7   DG  A "C4'" 1 
ATOM   129 O  "O4'" . DG  A 1 7  ? 4.891   8.582   2.128   1.00 112.08 ? 7   DG  A "O4'" 1 
ATOM   130 C  "C3'" . DG  A 1 7  ? 5.416   9.340   4.304   1.00 119.23 ? 7   DG  A "C3'" 1 
ATOM   131 O  "O3'" . DG  A 1 7  ? 4.519   10.415  4.607   1.00 124.95 ? 7   DG  A "O3'" 1 
ATOM   132 C  "C2'" . DG  A 1 7  ? 4.749   7.978   4.384   1.00 109.65 ? 7   DG  A "C2'" 1 
ATOM   133 C  "C1'" . DG  A 1 7  ? 4.037   7.923   3.049   1.00 103.24 ? 7   DG  A "C1'" 1 
ATOM   134 N  N9    . DG  A 1 7  ? 3.777   6.591   2.530   1.00 92.90  ? 7   DG  A N9    1 
ATOM   135 C  C8    . DG  A 1 7  ? 4.609   5.496   2.561   1.00 90.24  ? 7   DG  A C8    1 
ATOM   136 N  N7    . DG  A 1 7  ? 4.093   4.445   1.981   1.00 84.62  ? 7   DG  A N7    1 
ATOM   137 C  C5    . DG  A 1 7  ? 2.850   4.876   1.534   1.00 83.42  ? 7   DG  A C5    1 
ATOM   138 C  C6    . DG  A 1 7  ? 1.838   4.183   0.816   1.00 81.14  ? 7   DG  A C6    1 
ATOM   139 O  O6    . DG  A 1 7  ? 1.834   3.005   0.429   1.00 81.26  ? 7   DG  A O6    1 
ATOM   140 N  N1    . DG  A 1 7  ? 0.746   5.002   0.554   1.00 79.77  ? 7   DG  A N1    1 
ATOM   141 C  C2    . DG  A 1 7  ? 0.640   6.320   0.924   1.00 84.50  ? 7   DG  A C2    1 
ATOM   142 N  N2    . DG  A 1 7  ? -0.495  6.943   0.575   1.00 86.47  ? 7   DG  A N2    1 
ATOM   143 N  N3    . DG  A 1 7  ? 1.578   6.980   1.586   1.00 86.68  ? 7   DG  A N3    1 
ATOM   144 C  C4    . DG  A 1 7  ? 2.647   6.202   1.855   1.00 87.24  ? 7   DG  A C4    1 
ATOM   145 P  P     . DT  A 1 8  ? 4.039   10.659  6.120   1.00 126.36 ? 8   DT  A P     1 
ATOM   146 O  OP1   . DT  A 1 8  ? 4.695   11.901  6.605   1.00 134.40 ? 8   DT  A OP1   1 
ATOM   147 O  OP2   . DT  A 1 8  ? 4.203   9.382   6.877   1.00 116.83 ? 8   DT  A OP2   1 
ATOM   148 O  "O5'" . DT  A 1 8  ? 2.484   10.987  5.967   1.00 123.95 ? 8   DT  A "O5'" 1 
ATOM   149 C  "C5'" . DT  A 1 8  ? 1.823   11.112  4.687   1.00 120.24 ? 8   DT  A "C5'" 1 
ATOM   150 C  "C4'" . DT  A 1 8  ? 0.385   10.669  4.821   1.00 113.89 ? 8   DT  A "C4'" 1 
ATOM   151 O  "O4'" . DT  A 1 8  ? 0.198   9.343   4.271   1.00 105.28 ? 8   DT  A "O4'" 1 
ATOM   152 C  "C3'" . DT  A 1 8  ? -0.107  10.583  6.264   1.00 113.39 ? 8   DT  A "C3'" 1 
ATOM   153 O  "O3'" . DT  A 1 8  ? -1.412  11.154  6.273   1.00 119.18 ? 8   DT  A "O3'" 1 
ATOM   154 C  "C2'" . DT  A 1 8  ? -0.056  9.095   6.565   1.00 104.77 ? 8   DT  A "C2'" 1 
ATOM   155 C  "C1'" . DT  A 1 8  ? -0.441  8.518   5.224   1.00 99.99  ? 8   DT  A "C1'" 1 
ATOM   156 N  N1    . DT  A 1 8  ? -0.011  7.127   4.983   1.00 94.80  ? 8   DT  A N1    1 
ATOM   157 C  C2    . DT  A 1 8  ? -0.849  6.290   4.275   1.00 91.10  ? 8   DT  A C2    1 
ATOM   158 O  O2    . DT  A 1 8  ? -1.939  6.638   3.842   1.00 91.30  ? 8   DT  A O2    1 
ATOM   159 N  N3    . DT  A 1 8  ? -0.364  5.017   4.099   1.00 83.87  ? 8   DT  A N3    1 
ATOM   160 C  C4    . DT  A 1 8  ? 0.847   4.518   4.531   1.00 83.23  ? 8   DT  A C4    1 
ATOM   161 O  O4    . DT  A 1 8  ? 1.161   3.360   4.270   1.00 85.07  ? 8   DT  A O4    1 
ATOM   162 C  C5    . DT  A 1 8  ? 1.673   5.449   5.258   1.00 87.12  ? 8   DT  A C5    1 
ATOM   163 C  C7    . DT  A 1 8  ? 3.007   4.994   5.760   1.00 89.69  ? 8   DT  A C7    1 
ATOM   164 C  C6    . DT  A 1 8  ? 1.209   6.689   5.450   1.00 91.89  ? 8   DT  A C6    1 
ATOM   165 P  P     . DA  A 1 9  ? -2.317  11.087  7.576   1.00 120.12 ? 9   DA  A P     1 
ATOM   166 O  OP1   . DA  A 1 9  ? -3.052  12.380  7.676   1.00 123.19 ? 9   DA  A OP1   1 
ATOM   167 O  OP2   . DA  A 1 9  ? -1.477  10.613  8.719   1.00 117.95 ? 9   DA  A OP2   1 
ATOM   168 O  "O5'" . DA  A 1 9  ? -3.363  9.963   7.175   1.00 112.73 ? 9   DA  A "O5'" 1 
ATOM   169 C  "C5'" . DA  A 1 9  ? -4.085  10.087  5.946   1.00 112.98 ? 9   DA  A "C5'" 1 
ATOM   170 C  "C4'" . DA  A 1 9  ? -5.250  9.134   5.979   1.00 110.73 ? 9   DA  A "C4'" 1 
ATOM   171 O  "O4'" . DA  A 1 9  ? -4.757  7.787   5.798   1.00 106.72 ? 9   DA  A "O4'" 1 
ATOM   172 C  "C3'" . DA  A 1 9  ? -5.989  9.139   7.314   1.00 112.00 ? 9   DA  A "C3'" 1 
ATOM   173 O  "O3'" . DA  A 1 9  ? -7.385  9.014   7.061   1.00 115.98 ? 9   DA  A "O3'" 1 
ATOM   174 C  "C2'" . DA  A 1 9  ? -5.362  7.982   8.074   1.00 107.19 ? 9   DA  A "C2'" 1 
ATOM   175 C  "C1'" . DA  A 1 9  ? -4.941  7.013   6.977   1.00 100.45 ? 9   DA  A "C1'" 1 
ATOM   176 N  N9    . DA  A 1 9  ? -3.705  6.267   7.216   1.00 91.72  ? 9   DA  A N9    1 
ATOM   177 C  C8    . DA  A 1 9  ? -2.593  6.609   7.951   1.00 90.58  ? 9   DA  A C8    1 
ATOM   178 N  N7    . DA  A 1 9  ? -1.654  5.692   7.946   1.00 87.03  ? 9   DA  A N7    1 
ATOM   179 C  C5    . DA  A 1 9  ? -2.172  4.690   7.136   1.00 82.88  ? 9   DA  A C5    1 
ATOM   180 C  C6    . DA  A 1 9  ? -1.669  3.442   6.737   1.00 79.43  ? 9   DA  A C6    1 
ATOM   181 N  N6    . DA  A 1 9  ? -0.469  2.979   7.092   1.00 79.64  ? 9   DA  A N6    1 
ATOM   182 N  N1    . DA  A 1 9  ? -2.455  2.667   5.956   1.00 76.71  ? 9   DA  A N1    1 
ATOM   183 C  C2    . DA  A 1 9  ? -3.657  3.134   5.592   1.00 77.82  ? 9   DA  A C2    1 
ATOM   184 N  N3    . DA  A 1 9  ? -4.235  4.294   5.891   1.00 79.80  ? 9   DA  A N3    1 
ATOM   185 C  C4    . DA  A 1 9  ? -3.432  5.034   6.676   1.00 84.52  ? 9   DA  A C4    1 
ATOM   186 P  P     . DG  A 1 10 ? -8.410  9.091   8.262   1.00 124.02 ? 10  DG  A P     1 
ATOM   187 O  OP1   . DG  A 1 10 ? -9.630  9.797   7.772   1.00 131.02 ? 10  DG  A OP1   1 
ATOM   188 O  OP2   . DG  A 1 10 ? -7.687  9.617   9.462   1.00 124.03 ? 10  DG  A OP2   1 
ATOM   189 O  "O5'" . DG  A 1 10 ? -8.776  7.551   8.468   1.00 115.90 ? 10  DG  A "O5'" 1 
ATOM   190 C  "C5'" . DG  A 1 10 ? -9.274  6.779   7.359   1.00 108.46 ? 10  DG  A "C5'" 1 
ATOM   191 C  "C4'" . DG  A 1 10 ? -9.250  5.308   7.692   1.00 102.64 ? 10  DG  A "C4'" 1 
ATOM   192 O  "O4'" . DG  A 1 10 ? -7.881  4.840   7.787   1.00 97.08  ? 10  DG  A "O4'" 1 
ATOM   193 C  "C3'" . DG  A 1 10 ? -9.910  4.949   9.025   1.00 103.74 ? 10  DG  A "C3'" 1 
ATOM   194 O  "O3'" . DG  A 1 10 ? -10.687 3.755   8.861   1.00 106.03 ? 10  DG  A "O3'" 1 
ATOM   195 C  "C2'" . DG  A 1 10 ? -8.727  4.726   9.944   1.00 98.73  ? 10  DG  A "C2'" 1 
ATOM   196 C  "C1'" . DG  A 1 10 ? -7.745  4.095   8.982   1.00 92.44  ? 10  DG  A "C1'" 1 
ATOM   197 N  N9    . DG  A 1 10 ? -6.352  4.154   9.403   1.00 86.41  ? 10  DG  A N9    1 
ATOM   198 C  C8    . DG  A 1 10 ? -5.717  5.164   10.088  1.00 87.21  ? 10  DG  A C8    1 
ATOM   199 N  N7    . DG  A 1 10 ? -4.462  4.902   10.338  1.00 85.99  ? 10  DG  A N7    1 
ATOM   200 C  C5    . DG  A 1 10 ? -4.267  3.631   9.811   1.00 82.49  ? 10  DG  A C5    1 
ATOM   201 C  C6    . DG  A 1 10 ? -3.105  2.809   9.790   1.00 82.10  ? 10  DG  A C6    1 
ATOM   202 O  O6    . DG  A 1 10 ? -1.985  3.037   10.272  1.00 86.47  ? 10  DG  A O6    1 
ATOM   203 N  N1    . DG  A 1 10 ? -3.347  1.604   9.140   1.00 78.06  ? 10  DG  A N1    1 
ATOM   204 C  C2    . DG  A 1 10 ? -4.549  1.230   8.588   1.00 79.26  ? 10  DG  A C2    1 
ATOM   205 N  N2    . DG  A 1 10 ? -4.585  0.021   8.008   1.00 79.01  ? 10  DG  A N2    1 
ATOM   206 N  N3    . DG  A 1 10 ? -5.641  1.977   8.621   1.00 79.22  ? 10  DG  A N3    1 
ATOM   207 C  C4    . DG  A 1 10 ? -5.427  3.156   9.237   1.00 81.89  ? 10  DG  A C4    1 
ATOM   208 P  P     . DG  A 1 11 ? -11.570 3.178   10.077  1.00 113.12 ? 11  DG  A P     1 
ATOM   209 O  OP1   . DG  A 1 11 ? -12.740 2.455   9.511   1.00 116.27 ? 11  DG  A OP1   1 
ATOM   210 O  OP2   . DG  A 1 11 ? -11.763 4.255   11.095  1.00 118.20 ? 11  DG  A OP2   1 
ATOM   211 O  "O5'" . DG  A 1 11 ? -10.640 2.034   10.661  1.00 106.34 ? 11  DG  A "O5'" 1 
ATOM   212 C  "C5'" . DG  A 1 11 ? -10.374 0.865   9.880   1.00 99.11  ? 11  DG  A "C5'" 1 
ATOM   213 C  "C4'" . DG  A 1 11 ? -9.521  -0.045  10.720  1.00 94.63  ? 11  DG  A "C4'" 1 
ATOM   214 O  "O4'" . DG  A 1 11 ? -8.317  0.675   11.042  1.00 89.68  ? 11  DG  A "O4'" 1 
ATOM   215 C  "C3'" . DG  A 1 11 ? -10.189 -0.438  12.037  1.00 97.19  ? 11  DG  A "C3'" 1 
ATOM   216 O  "O3'" . DG  A 1 11 ? -10.493 -1.828  11.882  1.00 99.68  ? 11  DG  A "O3'" 1 
ATOM   217 C  "C2'" . DG  A 1 11 ? -9.219  -0.007  13.123  1.00 95.20  ? 11  DG  A "C2'" 1 
ATOM   218 C  "C1'" . DG  A 1 11 ? -8.063  0.674   12.422  1.00 89.62  ? 11  DG  A "C1'" 1 
ATOM   219 N  N9    . DG  A 1 11 ? -7.800  2.046   12.822  1.00 90.31  ? 11  DG  A N9    1 
ATOM   220 C  C8    . DG  A 1 11 ? -8.695  3.051   13.102  1.00 92.76  ? 11  DG  A C8    1 
ATOM   221 N  N7    . DG  A 1 11 ? -8.117  4.176   13.427  1.00 92.17  ? 11  DG  A N7    1 
ATOM   222 C  C5    . DG  A 1 11 ? -6.758  3.894   13.365  1.00 91.29  ? 11  DG  A C5    1 
ATOM   223 C  C6    . DG  A 1 11 ? -5.632  4.719   13.625  1.00 91.90  ? 11  DG  A C6    1 
ATOM   224 O  O6    . DG  A 1 11 ? -5.610  5.901   13.988  1.00 95.68  ? 11  DG  A O6    1 
ATOM   225 N  N1    . DG  A 1 11 ? -4.437  4.023   13.452  1.00 89.92  ? 11  DG  A N1    1 
ATOM   226 C  C2    . DG  A 1 11 ? -4.337  2.701   13.080  1.00 90.59  ? 11  DG  A C2    1 
ATOM   227 N  N2    . DG  A 1 11 ? -3.096  2.204   12.954  1.00 90.82  ? 11  DG  A N2    1 
ATOM   228 N  N3    . DG  A 1 11 ? -5.378  1.925   12.835  1.00 87.73  ? 11  DG  A N3    1 
ATOM   229 C  C4    . DG  A 1 11 ? -6.548  2.584   12.988  1.00 90.32  ? 11  DG  A C4    1 
ATOM   230 P  P     . DA  A 1 12 ? -10.551 -2.845  13.097  1.00 106.22 ? 12  DA  A P     1 
ATOM   231 O  OP1   . DA  A 1 12 ? -11.802 -3.611  12.937  1.00 113.26 ? 12  DA  A OP1   1 
ATOM   232 O  OP2   . DA  A 1 12 ? -10.315 -2.130  14.407  1.00 110.02 ? 12  DA  A OP2   1 
ATOM   233 O  "O5'" . DA  A 1 12 ? -9.349  -3.816  12.730  1.00 99.17  ? 12  DA  A "O5'" 1 
ATOM   234 C  "C5'" . DA  A 1 12 ? -9.321  -4.442  11.448  1.00 97.16  ? 12  DA  A "C5'" 1 
ATOM   235 C  "C4'" . DA  A 1 12 ? -8.009  -5.167  11.283  1.00 95.90  ? 12  DA  A "C4'" 1 
ATOM   236 O  "O4'" . DA  A 1 12 ? -6.949  -4.287  11.711  1.00 92.85  ? 12  DA  A "O4'" 1 
ATOM   237 C  "C3'" . DA  A 1 12 ? -7.880  -6.426  12.139  1.00 102.33 ? 12  DA  A "C3'" 1 
ATOM   238 O  "O3'" . DA  A 1 12 ? -7.216  -7.461  11.392  1.00 112.25 ? 12  DA  A "O3'" 1 
ATOM   239 C  "C2'" . DA  A 1 12 ? -7.096  -5.941  13.349  1.00 100.15 ? 12  DA  A "C2'" 1 
ATOM   240 C  "C1'" . DA  A 1 12 ? -6.175  -4.922  12.716  1.00 92.09  ? 12  DA  A "C1'" 1 
ATOM   241 N  N9    . DA  A 1 12 ? -5.619  -3.880  13.581  1.00 88.15  ? 12  DA  A N9    1 
ATOM   242 C  C8    . DA  A 1 12 ? -6.076  -2.598  13.769  1.00 86.50  ? 12  DA  A C8    1 
ATOM   243 N  N7    . DA  A 1 12 ? -5.311  -1.875  14.552  1.00 85.55  ? 12  DA  A N7    1 
ATOM   244 C  C5    . DA  A 1 12 ? -4.261  -2.723  14.871  1.00 85.02  ? 12  DA  A C5    1 
ATOM   245 C  C6    . DA  A 1 12 ? -3.113  -2.549  15.659  1.00 87.97  ? 12  DA  A C6    1 
ATOM   246 N  N6    . DA  A 1 12 ? -2.826  -1.423  16.309  1.00 91.95  ? 12  DA  A N6    1 
ATOM   247 N  N1    . DA  A 1 12 ? -2.289  -3.608  15.811  1.00 89.96  ? 12  DA  A N1    1 
ATOM   248 C  C2    . DA  A 1 12 ? -2.581  -4.746  15.163  1.00 90.01  ? 12  DA  A C2    1 
ATOM   249 N  N3    . DA  A 1 12 ? -3.619  -5.023  14.374  1.00 86.36  ? 12  DA  A N3    1 
ATOM   250 C  C4    . DA  A 1 12 ? -4.434  -3.960  14.274  1.00 86.41  ? 12  DA  A C4    1 
ATOM   251 P  P     . DG  A 1 13 ? -7.786  -8.996  11.376  1.00 124.10 ? 13  DG  A P     1 
ATOM   252 O  OP1   . DG  A 1 13 ? -6.767  -9.843  10.686  1.00 122.49 ? 13  DG  A OP1   1 
ATOM   253 O  OP2   . DG  A 1 13 ? -9.191  -8.972  10.873  1.00 124.83 ? 13  DG  A OP2   1 
ATOM   254 O  "O5'" . DG  A 1 13 ? -7.848  -9.401  12.918  1.00 121.52 ? 13  DG  A "O5'" 1 
HETATM 255 MG MG    . MG  B 2 .  ? 8.403   -8.840  -13.369 1.00 99.20  ? 101 MG  A MG    1 
HETATM 256 O  O     . HOH C 3 .  ? 9.776   -8.564  -12.081 1.00 90.57  ? 201 HOH A O     1 
# 
loop_
_atom_site_anisotrop.id 
_atom_site_anisotrop.type_symbol 
_atom_site_anisotrop.pdbx_label_atom_id 
_atom_site_anisotrop.pdbx_label_alt_id 
_atom_site_anisotrop.pdbx_label_comp_id 
_atom_site_anisotrop.pdbx_label_asym_id 
_atom_site_anisotrop.pdbx_label_seq_id 
_atom_site_anisotrop.pdbx_PDB_ins_code 
_atom_site_anisotrop.U[1][1] 
_atom_site_anisotrop.U[2][2] 
_atom_site_anisotrop.U[3][3] 
_atom_site_anisotrop.U[1][2] 
_atom_site_anisotrop.U[1][3] 
_atom_site_anisotrop.U[2][3] 
_atom_site_anisotrop.pdbx_auth_seq_id 
_atom_site_anisotrop.pdbx_auth_comp_id 
_atom_site_anisotrop.pdbx_auth_asym_id 
_atom_site_anisotrop.pdbx_auth_atom_id 
1   O "O5'" . DG A 1  ? 1.4723 1.2788 1.2496 0.0938  -0.1197 -0.1114 1  DG A "O5'" 
2   C "C5'" . DG A 1  ? 1.5010 1.2687 1.1886 0.0853  -0.1224 -0.1163 1  DG A "C5'" 
3   C "C4'" . DG A 1  ? 1.4506 1.2209 1.1146 0.0943  -0.1193 -0.0979 1  DG A "C4'" 
4   O "O4'" . DG A 1  ? 1.3930 1.2015 1.0737 0.1085  -0.1608 -0.0762 1  DG A "O4'" 
5   C "C3'" . DG A 1  ? 1.3852 1.1891 1.1155 0.0974  -0.0878 -0.0967 1  DG A "C3'" 
6   O "O3'" . DG A 1  ? 1.4189 1.1893 1.0893 0.0894  -0.0626 -0.0947 1  DG A "O3'" 
7   C "C2'" . DG A 1  ? 1.2919 1.1518 1.0927 0.1113  -0.1184 -0.0739 1  DG A "C2'" 
8   C "C1'" . DG A 1  ? 1.2835 1.1361 1.0346 0.1166  -0.1541 -0.0596 1  DG A "C1'" 
9   N N9    . DG A 1  ? 1.1901 1.0939 0.9995 0.1213  -0.1859 -0.0495 1  DG A N9    
10  C C8    . DG A 1  ? 1.1570 1.0971 0.9915 0.1335  -0.2039 -0.0311 1  DG A C8    
11  N N7    . DG A 1  ? 1.0982 1.0810 0.9874 0.1272  -0.2211 -0.0318 1  DG A N7    
12  C C5    . DG A 1  ? 1.0974 1.0615 0.9905 0.1093  -0.2141 -0.0498 1  DG A C5    
13  C C6    . DG A 1  ? 1.1026 1.0773 1.0298 0.0883  -0.2175 -0.0611 1  DG A C6    
14  O O6    . DG A 1  ? 1.0669 1.0787 1.0344 0.0778  -0.2257 -0.0595 1  DG A O6    
15  N N1    . DG A 1  ? 1.1523 1.0795 1.0550 0.0750  -0.2023 -0.0790 1  DG A N1    
16  C C2    . DG A 1  ? 1.2158 1.1019 1.0769 0.0822  -0.1855 -0.0872 1  DG A C2    
17  N N2    . DG A 1  ? 1.2914 1.1311 1.1329 0.0696  -0.1692 -0.1071 1  DG A N2    
18  N N3    . DG A 1  ? 1.1923 1.0744 1.0263 0.0969  -0.1785 -0.0798 1  DG A N3    
19  C C4    . DG A 1  ? 1.1540 1.0713 1.0015 0.1090  -0.1937 -0.0602 1  DG A C4    
20  P P     . DG A 2  ? 1.4096 1.2161 1.1350 0.0792  -0.0205 -0.1073 2  DG A P     
21  O OP1   . DG A 2  ? 1.5151 1.2536 1.1419 0.0572  0.0158  -0.1117 2  DG A OP1   
22  O OP2   . DG A 2  ? 1.3667 1.2153 1.1704 0.0817  -0.0003 -0.1357 2  DG A OP2   
23  O "O5'" . DG A 2  ? 1.2595 1.1249 1.0523 0.0954  -0.0497 -0.0813 2  DG A "O5'" 
24  C "C5'" . DG A 2  ? 1.2166 1.0595 0.9608 0.1021  -0.0692 -0.0547 2  DG A "C5'" 
25  C "C4'" . DG A 2  ? 1.1342 1.0394 0.9576 0.1148  -0.0919 -0.0367 2  DG A "C4'" 
26  O "O4'" . DG A 2  ? 1.0739 1.0062 0.9400 0.1273  -0.1261 -0.0289 2  DG A "O4'" 
27  C "C3'" . DG A 2  ? 1.0972 1.0580 0.9985 0.1092  -0.0716 -0.0518 2  DG A "C3'" 
28  O "O3'" . DG A 2  ? 1.0982 1.0803 1.0134 0.1077  -0.0736 -0.0377 2  DG A "O3'" 
29  C "C2'" . DG A 2  ? 1.0262 1.0200 0.9915 0.1275  -0.0960 -0.0511 2  DG A "C2'" 
30  C "C1'" . DG A 2  ? 0.9944 0.9710 0.9364 0.1331  -0.1280 -0.0280 2  DG A "C1'" 
31  N N9    . DG A 2  ? 0.9957 0.9680 0.9581 0.1373  -0.1436 -0.0313 2  DG A N9    
32  C C8    . DG A 2  ? 1.0413 0.9941 1.0069 0.1386  -0.1314 -0.0513 2  DG A C8    
33  N N7    . DG A 2  ? 1.0750 1.0099 1.0460 0.1386  -0.1448 -0.0498 2  DG A N7    
34  C C5    . DG A 2  ? 1.0295 0.9835 1.0098 0.1333  -0.1652 -0.0305 2  DG A C5    
35  C C6    . DG A 2  ? 1.0557 1.0020 1.0435 0.1212  -0.1773 -0.0266 2  DG A C6    
36  O O6    . DG A 2  ? 1.1289 1.0368 1.1062 0.1116  -0.1722 -0.0371 2  DG A O6    
37  N N1    . DG A 2  ? 1.0190 1.0007 1.0239 0.1169  -0.1897 -0.0121 2  DG A N1    
38  C C2    . DG A 2  ? 0.9739 0.9832 0.9803 0.1280  -0.1922 0.0004  2  DG A C2    
39  N N2    . DG A 2  ? 1.0044 1.0433 1.0287 0.1256  -0.2019 0.0110  2  DG A N2    
40  N N3    . DG A 2  ? 0.9126 0.9155 0.9002 0.1369  -0.1801 -0.0012 2  DG A N3    
41  C C4    . DG A 2  ? 0.9632 0.9429 0.9414 0.1366  -0.1664 -0.0183 2  DG A C4    
42  P P     . DA A 3  ? 1.1474 1.1439 1.0650 0.0815  -0.0330 -0.0597 3  DA A P     
43  O OP1   . DA A 3  ? 1.2281 1.1902 1.1038 0.0581  0.0090  -0.0899 3  DA A OP1   
44  O OP2   . DA A 3  ? 1.1674 1.2473 1.1795 0.0898  -0.0457 -0.0691 3  DA A OP2   
45  O "O5'" . DA A 3  ? 1.1796 1.1186 1.0202 0.0763  -0.0293 -0.0359 3  DA A "O5'" 
46  C "C5'" . DA A 3  ? 1.2085 1.1140 1.0103 0.1028  -0.0638 -0.0054 3  DA A "C5'" 
47  C "C4'" . DA A 3  ? 1.2084 1.1048 0.9955 0.1087  -0.0679 0.0148  3  DA A "C4'" 
48  O "O4'" . DA A 3  ? 1.1379 1.0891 0.9931 0.1277  -0.1037 0.0306  3  DA A "O4'" 
49  C "C3'" . DA A 3  ? 1.2147 1.1283 1.0180 0.0809  -0.0366 0.0022  3  DA A "C3'" 
50  O "O3'" . DA A 3  ? 1.3080 1.1809 1.0641 0.0854  -0.0329 0.0212  3  DA A "O3'" 
51  C "C2'" . DA A 3  ? 1.1060 1.1079 1.0129 0.0885  -0.0626 0.0002  3  DA A "C2'" 
52  C "C1'" . DA A 3  ? 1.0508 1.0497 0.9637 0.1166  -0.0991 0.0275  3  DA A "C1'" 
53  N N9    . DA A 3  ? 0.9961 1.0396 0.9738 0.1281  -0.1252 0.0296  3  DA A N9    
54  C C8    . DA A 3  ? 0.9920 1.0455 0.9938 0.1329  -0.1309 0.0166  3  DA A C8    
55  N N7    . DA A 3  ? 0.9671 1.0354 1.0049 0.1441  -0.1519 0.0241  3  DA A N7    
56  C C5    . DA A 3  ? 0.9561 1.0291 0.9955 0.1437  -0.1597 0.0425  3  DA A C5    
57  C C6    . DA A 3  ? 0.9872 1.0602 1.0423 0.1468  -0.1737 0.0564  3  DA A C6    
58  N N6    . DA A 3  ? 1.0411 1.0986 1.1053 0.1529  -0.1836 0.0558  3  DA A N6    
59  N N1    . DA A 3  ? 0.9766 1.0510 1.0243 0.1417  -0.1714 0.0699  3  DA A N1    
60  C C2    . DA A 3  ? 1.0051 1.0770 1.0300 0.1380  -0.1581 0.0706  3  DA A C2    
61  N N3    . DA A 3  ? 0.9806 1.0390 0.9777 0.1350  -0.1436 0.0602  3  DA A N3    
62  C C4    . DA A 3  ? 0.9712 1.0334 0.9785 0.1361  -0.1447 0.0458  3  DA A C4    
63  P P     . DT A 4  ? 1.4313 1.1821 1.0506 0.0776  0.0041  0.0254  4  DT A P     
64  O OP1   . DT A 4  ? 1.3964 1.1275 0.9980 0.0817  0.0086  0.0402  4  DT A OP1   
65  O OP2   . DT A 4  ? 1.4738 1.1596 1.0168 0.1089  -0.0145 0.0377  4  DT A OP2   
66  O "O5'" . DT A 4  ? 1.4457 1.1834 1.0462 0.0237  0.0600  -0.0113 4  DT A "O5'" 
67  C "C5'" . DT A 4  ? 1.3743 1.1947 1.0566 -0.0104 0.0759  -0.0370 4  DT A "C5'" 
68  C "C4'" . DT A 4  ? 1.4318 1.2216 1.0708 -0.0693 0.1409  -0.0774 4  DT A "C4'" 
69  O "O4'" . DT A 4  ? 1.5329 1.1676 1.0135 -0.0799 0.1809  -0.0667 4  DT A "O4'" 
70  C "C3'" . DT A 4  ? 1.4335 1.2791 1.1173 -0.1060 0.1586  -0.1000 4  DT A "C3'" 
71  O "O3'" . DT A 4  ? 1.4935 1.4262 1.2480 -0.1547 0.1925  -0.1560 4  DT A "O3'" 
72  C "C2'" . DT A 4  ? 1.5136 1.2212 1.0596 -0.1224 0.1965  -0.0845 4  DT A "C2'" 
73  C "C1'" . DT A 4  ? 1.5744 1.1513 0.9928 -0.1175 0.2235  -0.0756 4  DT A "C1'" 
74  N N1    . DT A 4  ? 1.6084 1.0510 0.8993 -0.0772 0.2147  -0.0333 4  DT A N1    
75  C C2    . DT A 4  ? 1.6980 1.0351 0.8849 -0.1065 0.2621  -0.0360 4  DT A C2    
76  O O2    . DT A 4  ? 1.7113 1.0620 0.9047 -0.1739 0.3147  -0.0750 4  DT A O2    
77  N N3    . DT A 4  ? 1.7821 0.9958 0.8538 -0.0535 0.2476  0.0039  4  DT A N3    
78  C C4    . DT A 4  ? 1.7665 0.9729 0.8307 0.0227  0.1880  0.0398  4  DT A C4    
79  O O4    . DT A 4  ? 1.8847 0.9854 0.8464 0.0724  0.1777  0.0678  4  DT A O4    
80  C C5    . DT A 4  ? 1.6359 0.9660 0.8185 0.0388  0.1422  0.0366  4  DT A C5    
81  C C7    . DT A 4  ? 1.6279 0.9718 0.8179 0.1095  0.0787  0.0650  4  DT A C7    
82  C C6    . DT A 4  ? 1.5744 1.0066 0.8582 -0.0099 0.1586  0.0035  4  DT A C6    
83  P P     . DA A 5  ? 1.4193 1.5140 1.3196 -0.1521 0.1561  -0.1818 5  DA A P     
84  O OP1   . DA A 5  ? 1.4117 1.6091 1.4117 -0.1461 0.1511  -0.2195 5  DA A OP1   
85  O OP2   . DA A 5  ? 1.3166 1.4159 1.2315 -0.1037 0.0980  -0.1343 5  DA A OP2   
86  O "O5'" . DA A 5  ? 1.4666 1.5749 1.3523 -0.2215 0.2072  -0.2268 5  DA A "O5'" 
87  C "C5'" . DA A 5  ? 1.6018 1.5729 1.3514 -0.2745 0.2773  -0.2337 5  DA A "C5'" 
88  C "C4'" . DA A 5  ? 1.6474 1.6106 1.3724 -0.3122 0.2937  -0.2443 5  DA A "C4'" 
89  O "O4'" . DA A 5  ? 1.7092 1.5146 1.2995 -0.2894 0.2990  -0.1920 5  DA A "O4'" 
90  C "C3'" . DA A 5  ? 1.5430 1.6470 1.3878 -0.2885 0.2319  -0.2469 5  DA A "C3'" 
91  O "O3'" . DA A 5  ? 1.6355 1.7683 1.4766 -0.3572 0.2705  -0.2944 5  DA A "O3'" 
92  C "C2'" . DA A 5  ? 1.5004 1.5281 1.2961 -0.2260 0.1863  -0.1775 5  DA A "C2'" 
93  C "C1'" . DA A 5  ? 1.6053 1.4555 1.2435 -0.2429 0.2397  -0.1561 5  DA A "C1'" 
94  N N9    . DA A 5  ? 1.5501 1.3029 1.1206 -0.1785 0.2118  -0.0974 5  DA A N9    
95  C C8    . DA A 5  ? 1.4351 1.2265 1.0584 -0.1185 0.1575  -0.0658 5  DA A C8    
96  N N7    . DA A 5  ? 1.4175 1.1144 0.9641 -0.0733 0.1447  -0.0251 5  DA A N7    
97  C C5    . DA A 5  ? 1.5130 1.0886 0.9401 -0.0972 0.1927  -0.0253 5  DA A C5    
98  C C6    . DA A 5  ? 1.5735 1.0103 0.8765 -0.0610 0.2021  0.0067  5  DA A C6    
99  N N6    . DA A 5  ? 1.5625 0.9828 0.8582 0.0079  0.1576  0.0418  5  DA A N6    
100 N N1    . DA A 5  ? 1.7008 1.0178 0.8869 -0.0963 0.2584  -0.0024 5  DA A N1    
101 C C2    . DA A 5  ? 1.7676 1.1150 0.9690 -0.1737 0.3046  -0.0462 5  DA A C2    
102 N N3    . DA A 5  ? 1.6966 1.1918 1.0241 -0.2148 0.2977  -0.0849 5  DA A N3    
103 C C4    . DA A 5  ? 1.5858 1.1865 1.0204 -0.1675 0.2384  -0.0693 5  DA A C4    
104 P P     . DC A 6  ? 1.5664 1.8369 1.5055 -0.3546 0.2191  -0.3141 6  DC A P     
105 O OP1   . DC A 6  ? 1.6012 1.9847 1.6052 -0.4311 0.2584  -0.3988 6  DC A OP1   
106 O OP2   . DC A 6  ? 1.4913 1.8427 1.5183 -0.2744 0.1379  -0.2803 6  DC A OP2   
107 O "O5'" . DC A 6  ? 1.5473 1.6907 1.3731 -0.3554 0.2263  -0.2709 6  DC A "O5'" 
108 C "C5'" . DC A 6  ? 1.6747 1.6736 1.3664 -0.4145 0.3033  -0.2801 6  DC A "C5'" 
109 C "C4'" . DC A 6  ? 1.6959 1.5630 1.2835 -0.3827 0.2983  -0.2245 6  DC A "C4'" 
110 O "O4'" . DC A 6  ? 1.6532 1.4373 1.1990 -0.3110 0.2745  -0.1654 6  DC A "O4'" 
111 C "C3'" . DC A 6  ? 1.6380 1.5821 1.2830 -0.3577 0.2419  -0.2102 6  DC A "C3'" 
112 O "O3'" . DC A 6  ? 1.7815 1.6904 1.3687 -0.4175 0.2787  -0.2381 6  DC A "O3'" 
113 C "C2'" . DC A 6  ? 1.5911 1.4496 1.1926 -0.2833 0.2107  -0.1411 6  DC A "C2'" 
114 C "C1'" . DC A 6  ? 1.6049 1.3394 1.1176 -0.2683 0.2473  -0.1211 6  DC A "C1'" 
115 N N1    . DC A 6  ? 1.4798 1.2068 1.0132 -0.1923 0.2010  -0.0726 6  DC A N1    
116 C C2    . DC A 6  ? 1.5123 1.1135 0.9502 -0.1487 0.2084  -0.0318 6  DC A C2    
117 O O2    . DC A 6  ? 1.6042 1.0867 0.9314 -0.1700 0.2553  -0.0331 6  DC A O2    
118 N N3    . DC A 6  ? 1.4429 1.0558 0.9106 -0.0836 0.1645  0.0038  6  DC A N3    
119 C C4    . DC A 6  ? 1.3834 1.1077 0.9571 -0.0667 0.1208  0.0028  6  DC A C4    
120 N N4    . DC A 6  ? 1.3464 1.0777 0.9434 -0.0116 0.0832  0.0325  6  DC A N4    
121 C C5    . DC A 6  ? 1.3070 1.1426 0.9675 -0.1035 0.1135  -0.0331 6  DC A C5    
122 C C6    . DC A 6  ? 1.3508 1.1934 0.9947 -0.1628 0.1511  -0.0712 6  DC A C6    
123 P P     . DG A 7  ? 1.7735 1.7494 1.3966 -0.4077 0.2297  -0.2331 7  DG A P     
124 O OP1   . DG A 7  ? 1.8228 1.8814 1.4707 -0.4877 0.2508  -0.3029 7  DG A OP1   
125 O OP2   . DG A 7  ? 1.6320 1.6974 1.3466 -0.3333 0.1511  -0.1981 7  DG A OP2   
126 O "O5'" . DG A 7  ? 1.8380 1.6438 1.3309 -0.3922 0.2606  -0.1875 7  DG A "O5'" 
127 C "C5'" . DG A 7  ? 1.9277 1.5633 1.2856 -0.4168 0.3342  -0.1833 7  DG A "C5'" 
128 C "C4'" . DG A 7  ? 1.9290 1.4351 1.2004 -0.3600 0.3353  -0.1282 7  DG A "C4'" 
129 O "O4'" . DG A 7  ? 1.8127 1.3247 1.1210 -0.2798 0.2932  -0.0817 7  DG A "O4'" 
130 C "C3'" . DG A 7  ? 1.8965 1.4421 1.1918 -0.3509 0.3044  -0.1181 7  DG A "C3'" 
131 O "O3'" . DG A 7  ? 2.0601 1.4517 1.2356 -0.3395 0.3469  -0.0958 7  DG A "O3'" 
132 C "C2'" . DG A 7  ? 1.7108 1.3489 1.1064 -0.2794 0.2339  -0.0806 7  DG A "C2'" 
133 C "C1'" . DG A 7  ? 1.6641 1.2292 1.0295 -0.2306 0.2430  -0.0503 7  DG A "C1'" 
134 N N9    . DG A 7  ? 1.4704 1.1270 0.9325 -0.1812 0.1887  -0.0303 7  DG A N9    
135 C C8    . DG A 7  ? 1.3579 1.1465 0.9243 -0.1883 0.1482  -0.0493 7  DG A C8    
136 N N7    . DG A 7  ? 1.2556 1.0816 0.8777 -0.1378 0.1103  -0.0241 7  DG A N7    
137 C C5    . DG A 7  ? 1.2933 1.0222 0.8539 -0.0970 0.1230  0.0101  7  DG A C5    
138 C C6    . DG A 7  ? 1.2565 0.9849 0.8415 -0.0396 0.0948  0.0403  7  DG A C6    
139 O O6    . DG A 7  ? 1.2091 1.0105 0.8679 -0.0182 0.0576  0.0454  7  DG A O6    
140 N N1    . DG A 7  ? 1.2964 0.9270 0.8074 -0.0046 0.1135  0.0620  7  DG A N1    
141 C C2    . DG A 7  ? 1.4233 0.9501 0.8372 -0.0191 0.1577  0.0591  7  DG A C2    
142 N N2    . DG A 7  ? 1.4979 0.9381 0.8495 0.0337  0.1656  0.0813  7  DG A N2    
143 N N3    . DG A 7  ? 1.4679 0.9782 0.8475 -0.0793 0.1910  0.0327  7  DG A N3    
144 C C4    . DG A 7  ? 1.4102 1.0328 0.8717 -0.1173 0.1696  0.0076  7  DG A C4    
145 P P     . DT A 8  ? 2.0847 1.4716 1.2449 -0.3416 0.3389  -0.0896 8  DT A P     
146 O OP1   . DT A 8  ? 2.2465 1.5517 1.3082 -0.4198 0.4004  -0.1300 8  DT A OP1   
147 O OP2   . DT A 8  ? 1.8733 1.4138 1.1520 -0.3244 0.2684  -0.0864 8  DT A OP2   
148 O "O5'" . DT A 8  ? 2.1120 1.3838 1.2138 -0.2650 0.3488  -0.0404 8  DT A "O5'" 
149 C "C5'" . DT A 8  ? 2.1035 1.2973 1.1679 -0.2087 0.3569  -0.0134 8  DT A "C5'" 
150 C "C4'" . DT A 8  ? 2.0076 1.2099 1.1100 -0.1249 0.3243  0.0263  8  DT A "C4'" 
151 O "O4'" . DT A 8  ? 1.8206 1.1426 1.0372 -0.0882 0.2668  0.0412  8  DT A "O4'" 
152 C "C3'" . DT A 8  ? 1.9822 1.2162 1.1099 -0.1276 0.3180  0.0284  8  DT A "C3'" 
153 O "O3'" . DT A 8  ? 2.0991 1.2476 1.1817 -0.0648 0.3367  0.0509  8  DT A "O3'" 
154 C "C2'" . DT A 8  ? 1.7800 1.1651 1.0356 -0.1178 0.2562  0.0355  8  DT A "C2'" 
155 C "C1'" . DT A 8  ? 1.6978 1.1054 0.9958 -0.0670 0.2311  0.0537  8  DT A "C1'" 
156 N N1    . DT A 8  ? 1.5548 1.0883 0.9588 -0.0662 0.1793  0.0542  8  DT A N1    
157 C C2    . DT A 8  ? 1.4743 1.0486 0.9383 -0.0119 0.1470  0.0758  8  DT A C2    
158 O O2    . DT A 8  ? 1.4989 1.0271 0.9431 0.0382  0.1535  0.0917  8  DT A O2    
159 N N3    . DT A 8  ? 1.3214 0.9957 0.8695 -0.0157 0.1049  0.0742  8  DT A N3    
160 C C4    . DT A 8  ? 1.2802 1.0208 0.8616 -0.0567 0.0875  0.0540  8  DT A C4    
161 O O4    . DT A 8  ? 1.2546 1.0720 0.9056 -0.0456 0.0492  0.0550  8  DT A O4    
162 C C5    . DT A 8  ? 1.3566 1.0694 0.8842 -0.1090 0.1164  0.0283  8  DT A C5    
163 C C7    . DT A 8  ? 1.3446 1.1477 0.9155 -0.1501 0.0919  -0.0028 8  DT A C7    
164 C C6    . DT A 8  ? 1.4807 1.0896 0.9209 -0.1163 0.1628  0.0296  8  DT A C6    
165 P P     . DA A 9  ? 2.0972 1.2630 1.2038 -0.0492 0.3391  0.0566  9  DA A P     
166 O OP1   . DA A 9  ? 2.2190 1.2418 1.2198 -0.0174 0.3915  0.0592  9  DA A OP1   
167 O OP2   . DA A 9  ? 2.0366 1.2736 1.1711 -0.1159 0.3256  0.0383  9  DA A OP2   
168 O "O5'" . DA A 9  ? 1.9324 1.1986 1.1522 0.0166  0.2917  0.0781  9  DA A "O5'" 
169 C "C5'" . DA A 9  ? 1.9439 1.1850 1.1638 0.0850  0.2814  0.0927  9  DA A "C5'" 
170 C "C4'" . DA A 9  ? 1.8433 1.1888 1.1751 0.1360  0.2461  0.1017  9  DA A "C4'" 
171 O "O4'" . DA A 9  ? 1.7253 1.1830 1.1466 0.1108  0.2019  0.1036  9  DA A "O4'" 
172 C "C3'" . DA A 9  ? 1.8456 1.2085 1.2015 0.1308  0.2674  0.0951  9  DA A "C3'" 
173 O "O3'" . DA A 9  ? 1.8607 1.2660 1.2800 0.1994  0.2606  0.0952  9  DA A "O3'" 
174 C "C2'" . DA A 9  ? 1.7365 1.1863 1.1499 0.0743  0.2420  0.0930  9  DA A "C2'" 
175 C "C1'" . DA A 9  ? 1.6060 1.1288 1.0818 0.0830  0.1953  0.1005  9  DA A "C1'" 
176 N N9    . DA A 9  ? 1.4752 1.0440 0.9658 0.0309  0.1700  0.0967  9  DA A N9    
177 C C8    . DA A 9  ? 1.4845 1.0321 0.9251 -0.0247 0.1796  0.0832  9  DA A C8    
178 N N7    . DA A 9  ? 1.4016 1.0205 0.8845 -0.0494 0.1422  0.0784  9  DA A N7    
179 C C5    . DA A 9  ? 1.3058 0.9814 0.8616 -0.0112 0.1114  0.0923  9  DA A C5    
180 C C6    . DA A 9  ? 1.2161 0.9666 0.8352 -0.0094 0.0688  0.0948  9  DA A C6    
181 N N6    . DA A 9  ? 1.2027 0.9941 0.8292 -0.0390 0.0442  0.0827  9  DA A N6    
182 N N1    . DA A 9  ? 1.1512 0.9364 0.8270 0.0273  0.0508  0.1065  9  DA A N1    
183 C C2    . DA A 9  ? 1.1715 0.9348 0.8506 0.0629  0.0685  0.1120  9  DA A C2    
184 N N3    . DA A 9  ? 1.2338 0.9351 0.8632 0.0749  0.1041  0.1101  9  DA A N3    
185 C C4    . DA A 9  ? 1.3324 0.9831 0.8957 0.0346  0.1272  0.1019  9  DA A C4    
186 P P     . DG A 10 ? 1.9445 1.3703 1.3976 0.2055  0.2924  0.0817  10 DG A P     
187 O OP1   . DG A 10 ? 2.0334 1.4459 1.4991 0.2907  0.3024  0.0744  10 DG A OP1   
188 O OP2   . DG A 10 ? 1.9978 1.3481 1.3667 0.1416  0.3308  0.0767  10 DG A OP2   
189 O "O5'" . DG A 10 ? 1.7574 1.3166 1.3296 0.1865  0.2602  0.0787  10 DG A "O5'" 
190 C "C5'" . DG A 10 ? 1.6045 1.2527 1.2638 0.2268  0.2177  0.0795  10 DG A "C5'" 
191 C "C4'" . DG A 10 ? 1.4750 1.2137 1.2114 0.1850  0.1961  0.0778  10 DG A "C4'" 
192 O "O4'" . DG A 10 ? 1.4265 1.1420 1.1199 0.1343  0.1762  0.0926  10 DG A "O4'" 
193 C "C3'" . DG A 10 ? 1.4749 1.2321 1.2345 0.1523  0.2321  0.0632  10 DG A "C3'" 
194 O "O3'" . DG A 10 ? 1.4384 1.2939 1.2963 0.1490  0.2191  0.0501  10 DG A "O3'" 
195 C "C2'" . DG A 10 ? 1.4572 1.1558 1.1384 0.0885  0.2343  0.0765  10 DG A "C2'" 
196 C "C1'" . DG A 10 ? 1.3654 1.0897 1.0572 0.0850  0.1851  0.0912  10 DG A "C1'" 
197 N N9    . DG A 10 ? 1.3264 1.0073 0.9495 0.0419  0.1735  0.0996  10 DG A N9    
198 C C8    . DG A 10 ? 1.3890 0.9972 0.9272 0.0149  0.1989  0.0955  10 DG A C8    
199 N N7    . DG A 10 ? 1.3842 0.9928 0.8904 -0.0233 0.1751  0.0960  10 DG A N7    
200 C C5    . DG A 10 ? 1.2960 0.9725 0.8656 -0.0152 0.1326  0.1043  10 DG A C5    
201 C C6    . DG A 10 ? 1.2771 0.9895 0.8527 -0.0347 0.0906  0.1057  10 DG A C6    
202 O O6    . DG A 10 ? 1.3477 1.0552 0.8829 -0.0650 0.0783  0.0960  10 DG A O6    
203 N N1    . DG A 10 ? 1.1872 0.9517 0.8270 -0.0136 0.0608  0.1146  10 DG A N1    
204 C C2    . DG A 10 ? 1.1761 0.9646 0.8708 0.0139  0.0694  0.1178  10 DG A C2    
205 N N2    . DG A 10 ? 1.1413 0.9742 0.8867 0.0234  0.0403  0.1228  10 DG A N2    
206 N N3    . DG A 10 ? 1.1776 0.9526 0.8797 0.0324  0.1038  0.1120  10 DG A N3    
207 C C4    . DG A 10 ? 1.2533 0.9684 0.8897 0.0202  0.1338  0.1072  10 DG A C4    
208 P P     . DG A 11 ? 1.5084 1.3905 1.3993 0.1104  0.2635  0.0279  11 DG A P     
209 O OP1   . DG A 11 ? 1.4696 1.4672 1.4810 0.1293  0.2590  -0.0006 11 DG A OP1   
210 O OP2   . DG A 11 ? 1.6171 1.4281 1.4460 0.1065  0.3140  0.0204  11 DG A OP2   
211 O "O5'" . DG A 11 ? 1.4510 1.2982 1.2913 0.0479  0.2482  0.0470  11 DG A "O5'" 
212 C "C5'" . DG A 11 ? 1.3289 1.2244 1.2126 0.0431  0.2071  0.0543  11 DG A "C5'" 
213 C "C4'" . DG A 11 ? 1.3167 1.1519 1.1268 -0.0072 0.1998  0.0720  11 DG A "C4'" 
214 O "O4'" . DG A 11 ? 1.3028 1.0748 1.0300 -0.0119 0.1847  0.0902  11 DG A "O4'" 
215 C "C3'" . DG A 11 ? 1.3748 1.1695 1.1485 -0.0515 0.2499  0.0594  11 DG A "C3'" 
216 O "O3'" . DG A 11 ? 1.3913 1.2050 1.1911 -0.0759 0.2453  0.0554  11 DG A "O3'" 
217 C "C2'" . DG A 11 ? 1.4222 1.1195 1.0756 -0.0775 0.2518  0.0775  11 DG A "C2'" 
218 C "C1'" . DG A 11 ? 1.3554 1.0547 0.9949 -0.0517 0.2080  0.0933  11 DG A "C1'" 
219 N N9    . DG A 11 ? 1.3966 1.0507 0.9841 -0.0495 0.2300  0.0900  11 DG A N9    
220 C C8    . DG A 11 ? 1.4303 1.0708 1.0235 -0.0359 0.2785  0.0733  11 DG A C8    
221 N N7    . DG A 11 ? 1.4670 1.0461 0.9891 -0.0403 0.2912  0.0743  11 DG A N7    
222 C C5    . DG A 11 ? 1.4748 1.0416 0.9523 -0.0623 0.2475  0.0883  11 DG A C5    
223 C C6    . DG A 11 ? 1.5231 1.0432 0.9257 -0.0850 0.2411  0.0872  11 DG A C6    
224 O O6    . DG A 11 ? 1.6104 1.0701 0.9549 -0.0936 0.2770  0.0771  11 DG A O6    
225 N N1    . DG A 11 ? 1.4892 1.0396 0.8879 -0.1003 0.1890  0.0941  11 DG A N1    
226 C C2    . DG A 11 ? 1.4644 1.0655 0.9123 -0.0894 0.1492  0.1055  11 DG A C2    
227 N N2    . DG A 11 ? 1.4606 1.0889 0.9011 -0.0974 0.1007  0.1074  11 DG A N2    
228 N N3    . DG A 11 ? 1.4014 1.0276 0.9043 -0.0727 0.1585  0.1096  11 DG A N3    
229 C C4    . DG A 11 ? 1.4323 1.0472 0.9522 -0.0625 0.2076  0.0986  11 DG A C4    
230 P P     . DA A 12 ? 1.5341 1.2586 1.2430 -0.1330 0.2765  0.0583  12 DA A P     
231 O OP1   . DA A 12 ? 1.5812 1.3583 1.3640 -0.1588 0.3171  0.0255  12 DA A OP1   
232 O OP2   . DA A 12 ? 1.6464 1.2823 1.2515 -0.1554 0.3072  0.0639  12 DA A OP2   
233 O "O5'" . DA A 12 ? 1.4752 1.1601 1.1327 -0.1280 0.2175  0.0886  12 DA A "O5'" 
234 C "C5'" . DA A 12 ? 1.3994 1.1542 1.1381 -0.1054 0.1829  0.0871  12 DA A "C5'" 
235 C "C4'" . DA A 12 ? 1.4199 1.1264 1.0972 -0.0946 0.1298  0.1152  12 DA A "C4'" 
236 O "O4'" . DA A 12 ? 1.4081 1.0889 1.0309 -0.0805 0.1049  0.1304  12 DA A "O4'" 
237 C "C3'" . DA A 12 ? 1.5717 1.1716 1.1450 -0.1261 0.1385  0.1265  12 DA A "C3'" 
238 O "O3'" . DA A 12 ? 1.6990 1.2929 1.2731 -0.1073 0.0957  0.1392  12 DA A "O3'" 
239 C "C2'" . DA A 12 ? 1.6102 1.1268 1.0682 -0.1306 0.1302  0.1441  12 DA A "C2'" 
240 C "C1'" . DA A 12 ? 1.4677 1.0556 0.9759 -0.0944 0.0877  0.1482  12 DA A "C1'" 
241 N N9    . DA A 12 ? 1.4486 1.0066 0.8943 -0.1001 0.0875  0.1507  12 DA A N9    
242 C C8    . DA A 12 ? 1.4142 0.9919 0.8803 -0.1059 0.1227  0.1373  12 DA A C8    
243 N N7    . DA A 12 ? 1.4402 0.9785 0.8317 -0.1153 0.1136  0.1402  12 DA A N7    
244 C C5    . DA A 12 ? 1.4655 0.9714 0.7933 -0.1097 0.0620  0.1547  12 DA A C5    
245 C C6    . DA A 12 ? 1.5420 1.0157 0.7847 -0.1118 0.0224  0.1582  12 DA A C6    
246 N N6    . DA A 12 ? 1.6108 1.0721 0.8108 -0.1318 0.0349  0.1469  12 DA A N6    
247 N N1    . DA A 12 ? 1.5905 1.0414 0.7863 -0.0912 -0.0317 0.1708  12 DA A N1    
248 C C2    . DA A 12 ? 1.5815 1.0298 0.8089 -0.0734 -0.0391 0.1811  12 DA A C2    
249 N N3    . DA A 12 ? 1.5003 0.9754 0.8055 -0.0790 -0.0011 0.1777  12 DA A N3    
250 C C4    . DA A 12 ? 1.4717 0.9827 0.8287 -0.0962 0.0461  0.1631  12 DA A C4    
251 P P     . DG A 13 ? 1.8839 1.4108 1.4203 -0.1383 0.1196  0.1344  13 DG A P     
252 O OP1   . DG A 13 ? 1.8753 1.3834 1.3954 -0.1043 0.0660  0.1525  13 DG A OP1   
253 O OP2   . DG A 13 ? 1.8317 1.4400 1.4712 -0.1682 0.1677  0.0982  13 DG A OP2   
254 O "O5'" . DG A 13 ? 1.9530 1.3307 1.3335 -0.1738 0.1534  0.1459  13 DG A "O5'" 
# 
loop_
_pdbx_poly_seq_scheme.asym_id 
_pdbx_poly_seq_scheme.entity_id 
_pdbx_poly_seq_scheme.seq_id 
_pdbx_poly_seq_scheme.mon_id 
_pdbx_poly_seq_scheme.ndb_seq_num 
_pdbx_poly_seq_scheme.pdb_seq_num 
_pdbx_poly_seq_scheme.auth_seq_num 
_pdbx_poly_seq_scheme.pdb_mon_id 
_pdbx_poly_seq_scheme.auth_mon_id 
_pdbx_poly_seq_scheme.pdb_strand_id 
_pdbx_poly_seq_scheme.pdb_ins_code 
_pdbx_poly_seq_scheme.hetero 
A 1 1  DG 1  1  1  DG DG A . n 
A 1 2  DG 2  2  2  DG DG A . n 
A 1 3  DA 3  3  3  DA DA A . n 
A 1 4  DT 4  4  4  DT DT A . n 
A 1 5  DA 5  5  5  DA DA A . n 
A 1 6  DC 6  6  6  DC DC A . n 
A 1 7  DG 7  7  7  DG DG A . n 
A 1 8  DT 8  8  8  DT DT A . n 
A 1 9  DA 9  9  9  DA DA A . n 
A 1 10 DG 10 10 10 DG DG A . n 
A 1 11 DG 11 11 11 DG DG A . n 
A 1 12 DA 12 12 12 DA DA A . n 
A 1 13 DG 13 13 13 DG DG A . n 
# 
loop_
_pdbx_nonpoly_scheme.asym_id 
_pdbx_nonpoly_scheme.entity_id 
_pdbx_nonpoly_scheme.mon_id 
_pdbx_nonpoly_scheme.ndb_seq_num 
_pdbx_nonpoly_scheme.pdb_seq_num 
_pdbx_nonpoly_scheme.auth_seq_num 
_pdbx_nonpoly_scheme.pdb_mon_id 
_pdbx_nonpoly_scheme.auth_mon_id 
_pdbx_nonpoly_scheme.pdb_strand_id 
_pdbx_nonpoly_scheme.pdb_ins_code 
B 2 MG  1 101 1 MG  MG  A . 
C 3 HOH 1 201 1 HOH HOH A . 
# 
_pdbx_struct_assembly.id                   1 
_pdbx_struct_assembly.details              author_defined_assembly 
_pdbx_struct_assembly.method_details       ? 
_pdbx_struct_assembly.oligomeric_details   dimeric 
_pdbx_struct_assembly.oligomeric_count     2 
# 
_pdbx_struct_assembly_gen.assembly_id       1 
_pdbx_struct_assembly_gen.oper_expression   1,2 
_pdbx_struct_assembly_gen.asym_id_list      A,B,C 
# 
loop_
_pdbx_struct_oper_list.id 
_pdbx_struct_oper_list.type 
_pdbx_struct_oper_list.name 
_pdbx_struct_oper_list.symmetry_operation 
_pdbx_struct_oper_list.matrix[1][1] 
_pdbx_struct_oper_list.matrix[1][2] 
_pdbx_struct_oper_list.matrix[1][3] 
_pdbx_struct_oper_list.vector[1] 
_pdbx_struct_oper_list.matrix[2][1] 
_pdbx_struct_oper_list.matrix[2][2] 
_pdbx_struct_oper_list.matrix[2][3] 
_pdbx_struct_oper_list.vector[2] 
_pdbx_struct_oper_list.matrix[3][1] 
_pdbx_struct_oper_list.matrix[3][2] 
_pdbx_struct_oper_list.matrix[3][3] 
_pdbx_struct_oper_list.vector[3] 
1 'identity operation'         1_555 x,y,z     1.0000000000  0.0000000000  0.0000000000  0.0000000000 0.0000000000  1.0000000000 0.0000000000 0.0000000000 0.0000000000  0.0000000000 1.0000000000  0.0000000000  
2 'crystal symmetry operation' 4_545 -x,-y-1,z -0.9741835919 -0.2167266962 -0.0632128812 2.5878235479 -0.2167266962 0.8194034096 0.5306671193 1.8040301082 -0.0632128812 0.5306671193 -0.8452198176 -5.1282771868 
# 
loop_
_pdbx_audit_revision_history.ordinal 
_pdbx_audit_revision_history.data_content_type 
_pdbx_audit_revision_history.major_revision 
_pdbx_audit_revision_history.minor_revision 
_pdbx_audit_revision_history.revision_date 
1 'Structure model' 1 0 2015-06-17 
2 'Structure model' 1 1 2015-09-09 
3 'Structure model' 1 2 2023-09-20 
# 
_pdbx_audit_revision_details.ordinal             1 
_pdbx_audit_revision_details.revision_ordinal    1 
_pdbx_audit_revision_details.data_content_type   'Structure model' 
_pdbx_audit_revision_details.provider            repository 
_pdbx_audit_revision_details.type                'Initial release' 
_pdbx_audit_revision_details.description         ? 
_pdbx_audit_revision_details.details             ? 
# 
loop_
_pdbx_audit_revision_group.ordinal 
_pdbx_audit_revision_group.revision_ordinal 
_pdbx_audit_revision_group.data_content_type 
_pdbx_audit_revision_group.group 
1 2 'Structure model' 'Database references'    
2 3 'Structure model' 'Data collection'        
3 3 'Structure model' 'Database references'    
4 3 'Structure model' 'Derived calculations'   
5 3 'Structure model' 'Refinement description' 
# 
loop_
_pdbx_audit_revision_category.ordinal 
_pdbx_audit_revision_category.revision_ordinal 
_pdbx_audit_revision_category.data_content_type 
_pdbx_audit_revision_category.category 
1 3 'Structure model' chem_comp_atom                
2 3 'Structure model' chem_comp_bond                
3 3 'Structure model' database_2                    
4 3 'Structure model' pdbx_initial_refinement_model 
5 3 'Structure model' struct_site                   
# 
loop_
_pdbx_audit_revision_item.ordinal 
_pdbx_audit_revision_item.revision_ordinal 
_pdbx_audit_revision_item.data_content_type 
_pdbx_audit_revision_item.item 
1 3 'Structure model' '_database_2.pdbx_DOI'                
2 3 'Structure model' '_database_2.pdbx_database_accession' 
3 3 'Structure model' '_struct_site.pdbx_auth_asym_id'      
4 3 'Structure model' '_struct_site.pdbx_auth_comp_id'      
5 3 'Structure model' '_struct_site.pdbx_auth_seq_id'       
# 
_pdbx_refine_tls.pdbx_refine_id   'X-RAY DIFFRACTION' 
_pdbx_refine_tls.id               1 
_pdbx_refine_tls.details          ? 
_pdbx_refine_tls.method           refined 
_pdbx_refine_tls.origin_x         0.0085 
_pdbx_refine_tls.origin_y         0.0607 
_pdbx_refine_tls.origin_z         -0.0910 
_pdbx_refine_tls.T[1][1]          0.4343 
_pdbx_refine_tls.T[2][2]          0.3531 
_pdbx_refine_tls.T[3][3]          0.2431 
_pdbx_refine_tls.T[1][2]          0.0703 
_pdbx_refine_tls.T[1][3]          -0.0349 
_pdbx_refine_tls.T[2][3]          0.0868 
_pdbx_refine_tls.L[1][1]          2.4817 
_pdbx_refine_tls.L[2][2]          9.1768 
_pdbx_refine_tls.L[3][3]          12.1121 
_pdbx_refine_tls.L[1][2]          0.4979 
_pdbx_refine_tls.L[1][3]          -2.8008 
_pdbx_refine_tls.L[2][3]          5.3769 
_pdbx_refine_tls.S[1][1]          0.6577 
_pdbx_refine_tls.S[1][2]          -0.1043 
_pdbx_refine_tls.S[1][3]          -0.0801 
_pdbx_refine_tls.S[2][1]          -0.2463 
_pdbx_refine_tls.S[2][2]          0.0748 
_pdbx_refine_tls.S[2][3]          -0.0596 
_pdbx_refine_tls.S[3][1]          -1.3283 
_pdbx_refine_tls.S[3][2]          0.4144 
_pdbx_refine_tls.S[3][3]          -0.7326 
# 
_pdbx_refine_tls_group.pdbx_refine_id      'X-RAY DIFFRACTION' 
_pdbx_refine_tls_group.id                  1 
_pdbx_refine_tls_group.refine_tls_id       1 
_pdbx_refine_tls_group.beg_auth_asym_id    A 
_pdbx_refine_tls_group.beg_auth_seq_id     1 
_pdbx_refine_tls_group.beg_label_asym_id   ? 
_pdbx_refine_tls_group.beg_label_seq_id    ? 
_pdbx_refine_tls_group.end_auth_asym_id    A 
_pdbx_refine_tls_group.end_auth_seq_id     13 
_pdbx_refine_tls_group.end_label_asym_id   ? 
_pdbx_refine_tls_group.end_label_seq_id    ? 
_pdbx_refine_tls_group.selection           ? 
_pdbx_refine_tls_group.selection_details   ? 
# 
_software.name             REFMAC 
_software.classification   refinement 
_software.version          5.8.0073 
_software.citation_id      ? 
_software.pdbx_ordinal     1 
# 
loop_
_pdbx_unobs_or_zero_occ_atoms.id 
_pdbx_unobs_or_zero_occ_atoms.PDB_model_num 
_pdbx_unobs_or_zero_occ_atoms.polymer_flag 
_pdbx_unobs_or_zero_occ_atoms.occupancy_flag 
_pdbx_unobs_or_zero_occ_atoms.auth_asym_id 
_pdbx_unobs_or_zero_occ_atoms.auth_comp_id 
_pdbx_unobs_or_zero_occ_atoms.auth_seq_id 
_pdbx_unobs_or_zero_occ_atoms.PDB_ins_code 
_pdbx_unobs_or_zero_occ_atoms.auth_atom_id 
_pdbx_unobs_or_zero_occ_atoms.label_alt_id 
_pdbx_unobs_or_zero_occ_atoms.label_asym_id 
_pdbx_unobs_or_zero_occ_atoms.label_comp_id 
_pdbx_unobs_or_zero_occ_atoms.label_seq_id 
_pdbx_unobs_or_zero_occ_atoms.label_atom_id 
1  1 Y 1 A DG 13 ? "C5'" ? A DG 13 "C5'" 
2  1 Y 1 A DG 13 ? "C4'" ? A DG 13 "C4'" 
3  1 Y 1 A DG 13 ? "O4'" ? A DG 13 "O4'" 
4  1 Y 1 A DG 13 ? "C3'" ? A DG 13 "C3'" 
5  1 Y 1 A DG 13 ? "O3'" ? A DG 13 "O3'" 
6  1 Y 1 A DG 13 ? "C2'" ? A DG 13 "C2'" 
7  1 Y 1 A DG 13 ? "C1'" ? A DG 13 "C1'" 
8  1 Y 1 A DG 13 ? N9    ? A DG 13 N9    
9  1 Y 1 A DG 13 ? C8    ? A DG 13 C8    
10 1 Y 1 A DG 13 ? N7    ? A DG 13 N7    
11 1 Y 1 A DG 13 ? C5    ? A DG 13 C5    
12 1 Y 1 A DG 13 ? C6    ? A DG 13 C6    
13 1 Y 1 A DG 13 ? O6    ? A DG 13 O6    
14 1 Y 1 A DG 13 ? N1    ? A DG 13 N1    
15 1 Y 1 A DG 13 ? C2    ? A DG 13 C2    
16 1 Y 1 A DG 13 ? N2    ? A DG 13 N2    
17 1 Y 1 A DG 13 ? N3    ? A DG 13 N3    
18 1 Y 1 A DG 13 ? C4    ? A DG 13 C4    
# 
loop_
_chem_comp_atom.comp_id 
_chem_comp_atom.atom_id 
_chem_comp_atom.type_symbol 
_chem_comp_atom.pdbx_aromatic_flag 
_chem_comp_atom.pdbx_stereo_config 
_chem_comp_atom.pdbx_ordinal 
DA  OP3    O  N N 1   
DA  P      P  N N 2   
DA  OP1    O  N N 3   
DA  OP2    O  N N 4   
DA  "O5'"  O  N N 5   
DA  "C5'"  C  N N 6   
DA  "C4'"  C  N R 7   
DA  "O4'"  O  N N 8   
DA  "C3'"  C  N S 9   
DA  "O3'"  O  N N 10  
DA  "C2'"  C  N N 11  
DA  "C1'"  C  N R 12  
DA  N9     N  Y N 13  
DA  C8     C  Y N 14  
DA  N7     N  Y N 15  
DA  C5     C  Y N 16  
DA  C6     C  Y N 17  
DA  N6     N  N N 18  
DA  N1     N  Y N 19  
DA  C2     C  Y N 20  
DA  N3     N  Y N 21  
DA  C4     C  Y N 22  
DA  HOP3   H  N N 23  
DA  HOP2   H  N N 24  
DA  "H5'"  H  N N 25  
DA  "H5''" H  N N 26  
DA  "H4'"  H  N N 27  
DA  "H3'"  H  N N 28  
DA  "HO3'" H  N N 29  
DA  "H2'"  H  N N 30  
DA  "H2''" H  N N 31  
DA  "H1'"  H  N N 32  
DA  H8     H  N N 33  
DA  H61    H  N N 34  
DA  H62    H  N N 35  
DA  H2     H  N N 36  
DC  OP3    O  N N 37  
DC  P      P  N N 38  
DC  OP1    O  N N 39  
DC  OP2    O  N N 40  
DC  "O5'"  O  N N 41  
DC  "C5'"  C  N N 42  
DC  "C4'"  C  N R 43  
DC  "O4'"  O  N N 44  
DC  "C3'"  C  N S 45  
DC  "O3'"  O  N N 46  
DC  "C2'"  C  N N 47  
DC  "C1'"  C  N R 48  
DC  N1     N  N N 49  
DC  C2     C  N N 50  
DC  O2     O  N N 51  
DC  N3     N  N N 52  
DC  C4     C  N N 53  
DC  N4     N  N N 54  
DC  C5     C  N N 55  
DC  C6     C  N N 56  
DC  HOP3   H  N N 57  
DC  HOP2   H  N N 58  
DC  "H5'"  H  N N 59  
DC  "H5''" H  N N 60  
DC  "H4'"  H  N N 61  
DC  "H3'"  H  N N 62  
DC  "HO3'" H  N N 63  
DC  "H2'"  H  N N 64  
DC  "H2''" H  N N 65  
DC  "H1'"  H  N N 66  
DC  H41    H  N N 67  
DC  H42    H  N N 68  
DC  H5     H  N N 69  
DC  H6     H  N N 70  
DG  OP3    O  N N 71  
DG  P      P  N N 72  
DG  OP1    O  N N 73  
DG  OP2    O  N N 74  
DG  "O5'"  O  N N 75  
DG  "C5'"  C  N N 76  
DG  "C4'"  C  N R 77  
DG  "O4'"  O  N N 78  
DG  "C3'"  C  N S 79  
DG  "O3'"  O  N N 80  
DG  "C2'"  C  N N 81  
DG  "C1'"  C  N R 82  
DG  N9     N  Y N 83  
DG  C8     C  Y N 84  
DG  N7     N  Y N 85  
DG  C5     C  Y N 86  
DG  C6     C  N N 87  
DG  O6     O  N N 88  
DG  N1     N  N N 89  
DG  C2     C  N N 90  
DG  N2     N  N N 91  
DG  N3     N  N N 92  
DG  C4     C  Y N 93  
DG  HOP3   H  N N 94  
DG  HOP2   H  N N 95  
DG  "H5'"  H  N N 96  
DG  "H5''" H  N N 97  
DG  "H4'"  H  N N 98  
DG  "H3'"  H  N N 99  
DG  "HO3'" H  N N 100 
DG  "H2'"  H  N N 101 
DG  "H2''" H  N N 102 
DG  "H1'"  H  N N 103 
DG  H8     H  N N 104 
DG  H1     H  N N 105 
DG  H21    H  N N 106 
DG  H22    H  N N 107 
DT  OP3    O  N N 108 
DT  P      P  N N 109 
DT  OP1    O  N N 110 
DT  OP2    O  N N 111 
DT  "O5'"  O  N N 112 
DT  "C5'"  C  N N 113 
DT  "C4'"  C  N R 114 
DT  "O4'"  O  N N 115 
DT  "C3'"  C  N S 116 
DT  "O3'"  O  N N 117 
DT  "C2'"  C  N N 118 
DT  "C1'"  C  N R 119 
DT  N1     N  N N 120 
DT  C2     C  N N 121 
DT  O2     O  N N 122 
DT  N3     N  N N 123 
DT  C4     C  N N 124 
DT  O4     O  N N 125 
DT  C5     C  N N 126 
DT  C7     C  N N 127 
DT  C6     C  N N 128 
DT  HOP3   H  N N 129 
DT  HOP2   H  N N 130 
DT  "H5'"  H  N N 131 
DT  "H5''" H  N N 132 
DT  "H4'"  H  N N 133 
DT  "H3'"  H  N N 134 
DT  "HO3'" H  N N 135 
DT  "H2'"  H  N N 136 
DT  "H2''" H  N N 137 
DT  "H1'"  H  N N 138 
DT  H3     H  N N 139 
DT  H71    H  N N 140 
DT  H72    H  N N 141 
DT  H73    H  N N 142 
DT  H6     H  N N 143 
HOH O      O  N N 144 
HOH H1     H  N N 145 
HOH H2     H  N N 146 
MG  MG     MG N N 147 
# 
loop_
_chem_comp_bond.comp_id 
_chem_comp_bond.atom_id_1 
_chem_comp_bond.atom_id_2 
_chem_comp_bond.value_order 
_chem_comp_bond.pdbx_aromatic_flag 
_chem_comp_bond.pdbx_stereo_config 
_chem_comp_bond.pdbx_ordinal 
DA  OP3   P      sing N N 1   
DA  OP3   HOP3   sing N N 2   
DA  P     OP1    doub N N 3   
DA  P     OP2    sing N N 4   
DA  P     "O5'"  sing N N 5   
DA  OP2   HOP2   sing N N 6   
DA  "O5'" "C5'"  sing N N 7   
DA  "C5'" "C4'"  sing N N 8   
DA  "C5'" "H5'"  sing N N 9   
DA  "C5'" "H5''" sing N N 10  
DA  "C4'" "O4'"  sing N N 11  
DA  "C4'" "C3'"  sing N N 12  
DA  "C4'" "H4'"  sing N N 13  
DA  "O4'" "C1'"  sing N N 14  
DA  "C3'" "O3'"  sing N N 15  
DA  "C3'" "C2'"  sing N N 16  
DA  "C3'" "H3'"  sing N N 17  
DA  "O3'" "HO3'" sing N N 18  
DA  "C2'" "C1'"  sing N N 19  
DA  "C2'" "H2'"  sing N N 20  
DA  "C2'" "H2''" sing N N 21  
DA  "C1'" N9     sing N N 22  
DA  "C1'" "H1'"  sing N N 23  
DA  N9    C8     sing Y N 24  
DA  N9    C4     sing Y N 25  
DA  C8    N7     doub Y N 26  
DA  C8    H8     sing N N 27  
DA  N7    C5     sing Y N 28  
DA  C5    C6     sing Y N 29  
DA  C5    C4     doub Y N 30  
DA  C6    N6     sing N N 31  
DA  C6    N1     doub Y N 32  
DA  N6    H61    sing N N 33  
DA  N6    H62    sing N N 34  
DA  N1    C2     sing Y N 35  
DA  C2    N3     doub Y N 36  
DA  C2    H2     sing N N 37  
DA  N3    C4     sing Y N 38  
DC  OP3   P      sing N N 39  
DC  OP3   HOP3   sing N N 40  
DC  P     OP1    doub N N 41  
DC  P     OP2    sing N N 42  
DC  P     "O5'"  sing N N 43  
DC  OP2   HOP2   sing N N 44  
DC  "O5'" "C5'"  sing N N 45  
DC  "C5'" "C4'"  sing N N 46  
DC  "C5'" "H5'"  sing N N 47  
DC  "C5'" "H5''" sing N N 48  
DC  "C4'" "O4'"  sing N N 49  
DC  "C4'" "C3'"  sing N N 50  
DC  "C4'" "H4'"  sing N N 51  
DC  "O4'" "C1'"  sing N N 52  
DC  "C3'" "O3'"  sing N N 53  
DC  "C3'" "C2'"  sing N N 54  
DC  "C3'" "H3'"  sing N N 55  
DC  "O3'" "HO3'" sing N N 56  
DC  "C2'" "C1'"  sing N N 57  
DC  "C2'" "H2'"  sing N N 58  
DC  "C2'" "H2''" sing N N 59  
DC  "C1'" N1     sing N N 60  
DC  "C1'" "H1'"  sing N N 61  
DC  N1    C2     sing N N 62  
DC  N1    C6     sing N N 63  
DC  C2    O2     doub N N 64  
DC  C2    N3     sing N N 65  
DC  N3    C4     doub N N 66  
DC  C4    N4     sing N N 67  
DC  C4    C5     sing N N 68  
DC  N4    H41    sing N N 69  
DC  N4    H42    sing N N 70  
DC  C5    C6     doub N N 71  
DC  C5    H5     sing N N 72  
DC  C6    H6     sing N N 73  
DG  OP3   P      sing N N 74  
DG  OP3   HOP3   sing N N 75  
DG  P     OP1    doub N N 76  
DG  P     OP2    sing N N 77  
DG  P     "O5'"  sing N N 78  
DG  OP2   HOP2   sing N N 79  
DG  "O5'" "C5'"  sing N N 80  
DG  "C5'" "C4'"  sing N N 81  
DG  "C5'" "H5'"  sing N N 82  
DG  "C5'" "H5''" sing N N 83  
DG  "C4'" "O4'"  sing N N 84  
DG  "C4'" "C3'"  sing N N 85  
DG  "C4'" "H4'"  sing N N 86  
DG  "O4'" "C1'"  sing N N 87  
DG  "C3'" "O3'"  sing N N 88  
DG  "C3'" "C2'"  sing N N 89  
DG  "C3'" "H3'"  sing N N 90  
DG  "O3'" "HO3'" sing N N 91  
DG  "C2'" "C1'"  sing N N 92  
DG  "C2'" "H2'"  sing N N 93  
DG  "C2'" "H2''" sing N N 94  
DG  "C1'" N9     sing N N 95  
DG  "C1'" "H1'"  sing N N 96  
DG  N9    C8     sing Y N 97  
DG  N9    C4     sing Y N 98  
DG  C8    N7     doub Y N 99  
DG  C8    H8     sing N N 100 
DG  N7    C5     sing Y N 101 
DG  C5    C6     sing N N 102 
DG  C5    C4     doub Y N 103 
DG  C6    O6     doub N N 104 
DG  C6    N1     sing N N 105 
DG  N1    C2     sing N N 106 
DG  N1    H1     sing N N 107 
DG  C2    N2     sing N N 108 
DG  C2    N3     doub N N 109 
DG  N2    H21    sing N N 110 
DG  N2    H22    sing N N 111 
DG  N3    C4     sing N N 112 
DT  OP3   P      sing N N 113 
DT  OP3   HOP3   sing N N 114 
DT  P     OP1    doub N N 115 
DT  P     OP2    sing N N 116 
DT  P     "O5'"  sing N N 117 
DT  OP2   HOP2   sing N N 118 
DT  "O5'" "C5'"  sing N N 119 
DT  "C5'" "C4'"  sing N N 120 
DT  "C5'" "H5'"  sing N N 121 
DT  "C5'" "H5''" sing N N 122 
DT  "C4'" "O4'"  sing N N 123 
DT  "C4'" "C3'"  sing N N 124 
DT  "C4'" "H4'"  sing N N 125 
DT  "O4'" "C1'"  sing N N 126 
DT  "C3'" "O3'"  sing N N 127 
DT  "C3'" "C2'"  sing N N 128 
DT  "C3'" "H3'"  sing N N 129 
DT  "O3'" "HO3'" sing N N 130 
DT  "C2'" "C1'"  sing N N 131 
DT  "C2'" "H2'"  sing N N 132 
DT  "C2'" "H2''" sing N N 133 
DT  "C1'" N1     sing N N 134 
DT  "C1'" "H1'"  sing N N 135 
DT  N1    C2     sing N N 136 
DT  N1    C6     sing N N 137 
DT  C2    O2     doub N N 138 
DT  C2    N3     sing N N 139 
DT  N3    C4     sing N N 140 
DT  N3    H3     sing N N 141 
DT  C4    O4     doub N N 142 
DT  C4    C5     sing N N 143 
DT  C5    C7     sing N N 144 
DT  C5    C6     doub N N 145 
DT  C7    H71    sing N N 146 
DT  C7    H72    sing N N 147 
DT  C7    H73    sing N N 148 
DT  C6    H6     sing N N 149 
HOH O     H1     sing N N 150 
HOH O     H2     sing N N 151 
# 
_ndb_struct_conf_na.entry_id   4RP1 
_ndb_struct_conf_na.feature    'b-form double helix' 
# 
loop_
_ndb_struct_na_base_pair.model_number 
_ndb_struct_na_base_pair.i_label_asym_id 
_ndb_struct_na_base_pair.i_label_comp_id 
_ndb_struct_na_base_pair.i_label_seq_id 
_ndb_struct_na_base_pair.i_symmetry 
_ndb_struct_na_base_pair.j_label_asym_id 
_ndb_struct_na_base_pair.j_label_comp_id 
_ndb_struct_na_base_pair.j_label_seq_id 
_ndb_struct_na_base_pair.j_symmetry 
_ndb_struct_na_base_pair.shear 
_ndb_struct_na_base_pair.stretch 
_ndb_struct_na_base_pair.stagger 
_ndb_struct_na_base_pair.buckle 
_ndb_struct_na_base_pair.propeller 
_ndb_struct_na_base_pair.opening 
_ndb_struct_na_base_pair.pair_number 
_ndb_struct_na_base_pair.pair_name 
_ndb_struct_na_base_pair.i_auth_asym_id 
_ndb_struct_na_base_pair.i_auth_seq_id 
_ndb_struct_na_base_pair.i_PDB_ins_code 
_ndb_struct_na_base_pair.j_auth_asym_id 
_ndb_struct_na_base_pair.j_auth_seq_id 
_ndb_struct_na_base_pair.j_PDB_ins_code 
_ndb_struct_na_base_pair.hbond_type_28 
_ndb_struct_na_base_pair.hbond_type_12 
1 A DT 4 1_555 A DA 9 4_545 0.095  -0.109 0.051 -3.117 -11.901 -2.004 1 A_DT4:DA9_A A 4 ? A 9 ? 20 1 
1 A DA 5 1_555 A DT 8 4_545 0.087  -0.177 0.117 5.528  -16.087 -5.076 2 A_DA5:DT8_A A 5 ? A 8 ? 20 1 
1 A DC 6 1_555 A DG 7 4_545 -0.154 -0.103 0.338 -4.472 -12.291 -1.202 3 A_DC6:DG7_A A 6 ? A 7 ? 19 1 
1 A DG 7 1_555 A DC 6 4_545 0.154  -0.103 0.338 4.472  -12.291 -1.202 4 A_DG7:DC6_A A 7 ? A 6 ? 19 1 
1 A DT 8 1_555 A DA 5 4_545 -0.087 -0.177 0.117 -5.528 -16.087 -5.076 5 A_DT8:DA5_A A 8 ? A 5 ? 20 1 
1 A DA 9 1_555 A DT 4 4_545 -0.095 -0.109 0.051 3.117  -11.901 -2.004 6 A_DA9:DT4_A A 9 ? A 4 ? 20 1 
# 
loop_
_ndb_struct_na_base_pair_step.model_number 
_ndb_struct_na_base_pair_step.i_label_asym_id_1 
_ndb_struct_na_base_pair_step.i_label_comp_id_1 
_ndb_struct_na_base_pair_step.i_label_seq_id_1 
_ndb_struct_na_base_pair_step.i_symmetry_1 
_ndb_struct_na_base_pair_step.j_label_asym_id_1 
_ndb_struct_na_base_pair_step.j_label_comp_id_1 
_ndb_struct_na_base_pair_step.j_label_seq_id_1 
_ndb_struct_na_base_pair_step.j_symmetry_1 
_ndb_struct_na_base_pair_step.i_label_asym_id_2 
_ndb_struct_na_base_pair_step.i_label_comp_id_2 
_ndb_struct_na_base_pair_step.i_label_seq_id_2 
_ndb_struct_na_base_pair_step.i_symmetry_2 
_ndb_struct_na_base_pair_step.j_label_asym_id_2 
_ndb_struct_na_base_pair_step.j_label_comp_id_2 
_ndb_struct_na_base_pair_step.j_label_seq_id_2 
_ndb_struct_na_base_pair_step.j_symmetry_2 
_ndb_struct_na_base_pair_step.shift 
_ndb_struct_na_base_pair_step.slide 
_ndb_struct_na_base_pair_step.rise 
_ndb_struct_na_base_pair_step.tilt 
_ndb_struct_na_base_pair_step.roll 
_ndb_struct_na_base_pair_step.twist 
_ndb_struct_na_base_pair_step.x_displacement 
_ndb_struct_na_base_pair_step.y_displacement 
_ndb_struct_na_base_pair_step.helical_rise 
_ndb_struct_na_base_pair_step.inclination 
_ndb_struct_na_base_pair_step.tip 
_ndb_struct_na_base_pair_step.helical_twist 
_ndb_struct_na_base_pair_step.step_number 
_ndb_struct_na_base_pair_step.step_name 
_ndb_struct_na_base_pair_step.i_auth_asym_id_1 
_ndb_struct_na_base_pair_step.i_auth_seq_id_1 
_ndb_struct_na_base_pair_step.i_PDB_ins_code_1 
_ndb_struct_na_base_pair_step.j_auth_asym_id_1 
_ndb_struct_na_base_pair_step.j_auth_seq_id_1 
_ndb_struct_na_base_pair_step.j_PDB_ins_code_1 
_ndb_struct_na_base_pair_step.i_auth_asym_id_2 
_ndb_struct_na_base_pair_step.i_auth_seq_id_2 
_ndb_struct_na_base_pair_step.i_PDB_ins_code_2 
_ndb_struct_na_base_pair_step.j_auth_asym_id_2 
_ndb_struct_na_base_pair_step.j_auth_seq_id_2 
_ndb_struct_na_base_pair_step.j_PDB_ins_code_2 
1 A DT 4 1_555 A DA 9 4_545 A DA 5 1_555 A DT 8 4_545 -0.576 0.554  3.179 1.036  1.237 40.881 0.661  0.935  3.179 1.770  -1.482 
40.912 1 AA_DT4DA5:DT8DA9_AA A 4 ? A 9 ? A 5 ? A 8 ? 
1 A DA 5 1_555 A DT 8 4_545 A DC 6 1_555 A DG 7 4_545 0.572  -0.368 3.540 -1.902 2.006 33.053 -1.007 -1.345 3.475 3.519  3.336  
33.165 2 AA_DA5DC6:DG7DT8_AA A 5 ? A 8 ? A 6 ? A 7 ? 
1 A DC 6 1_555 A DG 7 4_545 A DG 7 1_555 A DC 6 4_545 0.000  0.541  3.112 0.000  7.682 35.861 -0.161 0.000  3.157 12.302 0.000  
36.648 3 AA_DC6DG7:DC6DG7_AA A 6 ? A 7 ? A 7 ? A 6 ? 
1 A DG 7 1_555 A DC 6 4_545 A DT 8 1_555 A DA 5 4_545 -0.572 -0.368 3.540 1.902  2.006 33.053 -1.007 1.345  3.475 3.519  -3.336 
33.165 4 AA_DG7DT8:DA5DC6_AA A 7 ? A 6 ? A 8 ? A 5 ? 
1 A DT 8 1_555 A DA 5 4_545 A DA 9 1_555 A DT 4 4_545 0.576  0.554  3.179 -1.036 1.237 40.881 0.661  -0.935 3.179 1.770  1.482  
40.912 5 AA_DT8DA9:DT4DA5_AA A 8 ? A 5 ? A 9 ? A 4 ? 
# 
loop_
_pdbx_entity_nonpoly.entity_id 
_pdbx_entity_nonpoly.name 
_pdbx_entity_nonpoly.comp_id 
2 'MAGNESIUM ION' MG  
3 water           HOH 
# 
_pdbx_initial_refinement_model.id               1 
_pdbx_initial_refinement_model.entity_id_list   ? 
_pdbx_initial_refinement_model.type             'experimental model' 
_pdbx_initial_refinement_model.source_name      PDB 
_pdbx_initial_refinement_model.accession_code   1P1Y 
_pdbx_initial_refinement_model.details          'PDB ENTRY 1p1y' 
# 
